data_6U90
#
_entry.id   6U90
#
_cell.length_a   191.506
_cell.length_b   191.506
_cell.length_c   49.597
_cell.angle_alpha   90.000
_cell.angle_beta   90.000
_cell.angle_gamma   120.000
#
_symmetry.space_group_name_H-M   'P 31'
#
loop_
_entity.id
_entity.type
_entity.pdbx_description
1 polymer 'DNA (cytosine-5)-methyltransferase 3B'
2 polymer 'DNA (cytosine-5)-methyltransferase 3-like'
3 polymer 'CpGpT DNA (25-MER)'
4 non-polymer GLYCEROL
5 non-polymer S-ADENOSYL-L-HOMOCYSTEINE
6 water water
#
loop_
_entity_poly.entity_id
_entity_poly.type
_entity_poly.pdbx_seq_one_letter_code
_entity_poly.pdbx_strand_id
1 'polypeptide(L)'
;LYPAIPAARRRPIRVLSLFDGIATGYLVLKELGIKVGKYVASEVCEESIAVGTVKHEGNIKYVNDVRNITKKNIEEWGPF
DLVIGGSPCNDLSNVNPARKGLYEGTGRLFFEFYHLLNYSRPKEGDDRPFFWMFENVVAMKVGDKRDISRFLECNPVMID
AIKVSAAHRARYFWGNLPGMNRPVIASKNDKLELQDCLEYNRIAKLKKVQTITTKSASIKQGKNQLFPVVMNGKEDVLWC
TELERIFGFPVHYTDVSNMGRGARQKLLGRSWSVPVIRHLFAPLKDYFACE
;
A,D
2 'polypeptide(L)'
;MFETVPVWRRQPVRVLSLFEDIKKELTSLGFLESGSDPGQLKHVVDVTDTVRKDVEEWGPFDLVYGATPPLGHTCDRPPS
WYLFQFHRLLQYARPKPGSPRPFFWMFVDNLVLNKEDLDVASRFLEMEPVTIPDVHGGSLQNAVRVWSNIPAIRSRHWAL
VSEEELSLLAQNKQSSKLAAKWPTKLVKNCFLPLREYFKYFSTELTSSL
;
B,C
3 'polydeoxyribonucleotide'
;(DG)(DC)(DA)(DT)(DG)(PYO)(DG)(DT)(DT)(DC)(DT)(DA)(DA)(DT)(DT)(DA)(DG)(DA)(DA)
(DC)(DG)(DC)(DA)(DT)(DG)
;
E,F
#
loop_
_chem_comp.id
_chem_comp.type
_chem_comp.name
_chem_comp.formula
DA DNA linking 2'-DEOXYADENOSINE-5'-MONOPHOSPHATE 'C10 H14 N5 O6 P'
DC DNA linking 2'-DEOXYCYTIDINE-5'-MONOPHOSPHATE 'C9 H14 N3 O7 P'
DG DNA linking 2'-DEOXYGUANOSINE-5'-MONOPHOSPHATE 'C10 H14 N5 O7 P'
DT DNA linking THYMIDINE-5'-MONOPHOSPHATE 'C10 H15 N2 O8 P'
GOL non-polymer GLYCEROL 'C3 H8 O3'
PYO RNA linking 1-(BETA-D-RIBOFURANOSYL)-PYRIMIDIN-2-ONE-5'-PHOSPHATE 'C9 H13 N2 O8 P'
SAH non-polymer S-ADENOSYL-L-HOMOCYSTEINE 'C14 H20 N6 O5 S'
#
# COMPACT_ATOMS: atom_id res chain seq x y z
N LEU A 1 40.46 17.18 7.26
CA LEU A 1 41.68 16.47 7.61
C LEU A 1 41.80 15.16 6.85
N TYR A 2 41.02 15.04 5.77
CA TYR A 2 41.09 13.84 4.95
C TYR A 2 42.00 14.08 3.77
N PRO A 3 42.93 13.17 3.47
CA PRO A 3 43.85 13.39 2.34
C PRO A 3 43.09 13.29 1.02
N ALA A 4 43.15 14.36 0.24
CA ALA A 4 42.51 14.34 -1.08
C ALA A 4 43.02 13.16 -1.89
N ILE A 5 42.14 12.55 -2.67
CA ILE A 5 42.48 11.37 -3.44
C ILE A 5 42.19 11.64 -4.91
N PRO A 6 43.20 11.58 -5.80
CA PRO A 6 42.92 11.74 -7.23
C PRO A 6 41.93 10.69 -7.72
N ALA A 7 41.23 11.01 -8.81
CA ALA A 7 40.12 10.18 -9.25
C ALA A 7 40.57 8.79 -9.66
N ALA A 8 41.69 8.68 -10.38
CA ALA A 8 42.16 7.38 -10.84
C ALA A 8 42.43 6.43 -9.68
N ARG A 9 43.00 6.95 -8.59
CA ARG A 9 43.29 6.12 -7.42
C ARG A 9 42.02 5.73 -6.66
N ARG A 10 40.92 6.42 -6.90
CA ARG A 10 39.68 6.14 -6.18
C ARG A 10 39.13 4.77 -6.58
N ARG A 11 38.69 4.01 -5.58
CA ARG A 11 38.05 2.73 -5.75
C ARG A 11 36.67 2.75 -5.10
N PRO A 12 35.75 1.88 -5.53
CA PRO A 12 34.39 1.91 -4.96
C PRO A 12 34.38 1.83 -3.44
N ILE A 13 33.26 2.24 -2.85
CA ILE A 13 33.14 2.36 -1.40
C ILE A 13 32.60 1.06 -0.82
N ARG A 14 33.14 0.67 0.33
CA ARG A 14 32.72 -0.53 1.06
C ARG A 14 32.09 -0.08 2.37
N VAL A 15 30.78 -0.31 2.50
CA VAL A 15 29.98 0.29 3.56
C VAL A 15 29.46 -0.81 4.48
N LEU A 16 29.58 -0.61 5.79
CA LEU A 16 28.96 -1.44 6.81
C LEU A 16 27.85 -0.62 7.46
N SER A 17 26.60 -1.00 7.23
CA SER A 17 25.45 -0.30 7.75
C SER A 17 24.80 -1.16 8.84
N LEU A 18 24.78 -0.65 10.07
CA LEU A 18 24.16 -1.32 11.20
C LEU A 18 22.81 -0.67 11.48
N PHE A 19 21.81 -1.50 11.75
CA PHE A 19 20.43 -1.02 11.91
C PHE A 19 19.96 -0.34 10.63
N ASP A 20 20.22 -1.00 9.50
CA ASP A 20 20.05 -0.39 8.18
C ASP A 20 18.63 0.08 7.93
N GLY A 21 17.66 -0.43 8.67
CA GLY A 21 16.28 -0.04 8.44
C GLY A 21 15.85 -0.39 7.02
N ILE A 22 15.58 0.64 6.22
CA ILE A 22 15.09 0.47 4.85
C ILE A 22 16.18 0.89 3.88
N ALA A 23 17.44 0.72 4.28
CA ALA A 23 18.58 0.94 3.39
C ALA A 23 18.66 2.37 2.91
N THR A 24 18.36 3.32 3.81
CA THR A 24 18.50 4.73 3.47
C THR A 24 19.92 5.04 3.00
N GLY A 25 20.91 4.57 3.75
CA GLY A 25 22.30 4.84 3.38
C GLY A 25 22.60 4.46 1.95
N TYR A 26 22.29 3.23 1.56
CA TYR A 26 22.52 2.80 0.19
C TYR A 26 21.79 3.70 -0.80
N LEU A 27 20.53 4.02 -0.52
CA LEU A 27 19.77 4.91 -1.39
C LEU A 27 20.49 6.23 -1.58
N VAL A 28 20.94 6.84 -0.49
CA VAL A 28 21.63 8.13 -0.57
C VAL A 28 22.91 8.00 -1.40
N LEU A 29 23.73 7.00 -1.07
CA LEU A 29 24.99 6.82 -1.77
C LEU A 29 24.79 6.64 -3.27
N LYS A 30 23.82 5.81 -3.66
CA LYS A 30 23.59 5.57 -5.08
C LYS A 30 23.04 6.82 -5.77
N GLU A 31 22.14 7.54 -5.11
CA GLU A 31 21.63 8.78 -5.68
C GLU A 31 22.74 9.82 -5.84
N LEU A 32 23.73 9.81 -4.94
CA LEU A 32 24.87 10.71 -5.08
C LEU A 32 25.72 10.38 -6.31
N GLY A 33 25.69 9.15 -6.79
CA GLY A 33 26.51 8.73 -7.90
C GLY A 33 27.74 7.94 -7.52
N ILE A 34 27.87 7.52 -6.26
CA ILE A 34 29.04 6.80 -5.80
C ILE A 34 28.90 5.32 -6.15
N LYS A 35 29.98 4.73 -6.65
CA LYS A 35 30.01 3.28 -6.86
C LYS A 35 30.02 2.57 -5.52
N VAL A 36 28.99 1.75 -5.26
CA VAL A 36 28.88 1.03 -4.00
C VAL A 36 29.48 -0.36 -4.23
N GLY A 37 30.73 -0.53 -3.79
CA GLY A 37 31.38 -1.82 -3.97
C GLY A 37 30.75 -2.91 -3.12
N LYS A 38 30.43 -2.61 -1.86
CA LYS A 38 29.84 -3.58 -0.95
C LYS A 38 29.05 -2.84 0.11
N TYR A 39 27.85 -3.35 0.40
CA TYR A 39 26.94 -2.75 1.38
C TYR A 39 26.44 -3.87 2.29
N VAL A 40 27.12 -4.05 3.42
CA VAL A 40 26.75 -5.07 4.40
C VAL A 40 25.77 -4.45 5.39
N ALA A 41 24.55 -4.97 5.41
CA ALA A 41 23.47 -4.41 6.22
C ALA A 41 23.13 -5.36 7.36
N SER A 42 23.08 -4.82 8.58
CA SER A 42 22.67 -5.57 9.77
C SER A 42 21.26 -5.09 10.14
N GLU A 43 20.26 -5.92 9.87
CA GLU A 43 18.88 -5.57 10.14
C GLU A 43 18.10 -6.84 10.44
N VAL A 44 17.11 -6.72 11.33
CA VAL A 44 16.34 -7.86 11.79
C VAL A 44 14.86 -7.77 11.44
N CYS A 45 14.37 -6.63 10.96
CA CYS A 45 12.97 -6.50 10.58
C CYS A 45 12.79 -7.05 9.16
N GLU A 46 11.90 -8.03 9.02
CA GLU A 46 11.70 -8.66 7.72
C GLU A 46 11.26 -7.65 6.68
N GLU A 47 10.25 -6.84 7.00
CA GLU A 47 9.75 -5.87 6.04
C GLU A 47 10.84 -4.87 5.64
N SER A 48 11.64 -4.43 6.60
CA SER A 48 12.76 -3.55 6.28
C SER A 48 13.68 -4.19 5.26
N ILE A 49 14.09 -5.43 5.50
CA ILE A 49 14.95 -6.14 4.56
C ILE A 49 14.24 -6.34 3.23
N ALA A 50 12.93 -6.59 3.27
CA ALA A 50 12.17 -6.76 2.05
C ALA A 50 12.27 -5.51 1.17
N VAL A 51 12.19 -4.34 1.78
CA VAL A 51 12.32 -3.09 1.02
C VAL A 51 13.72 -2.98 0.43
N GLY A 52 14.75 -3.14 1.27
CA GLY A 52 16.12 -2.99 0.78
C GLY A 52 16.43 -3.94 -0.35
N THR A 53 16.07 -5.21 -0.20
CA THR A 53 16.37 -6.20 -1.23
C THR A 53 15.59 -5.91 -2.51
N VAL A 54 14.29 -5.69 -2.39
CA VAL A 54 13.46 -5.51 -3.59
C VAL A 54 13.77 -4.19 -4.27
N LYS A 55 13.90 -3.11 -3.49
CA LYS A 55 14.14 -1.79 -4.09
C LYS A 55 15.54 -1.66 -4.66
N HIS A 56 16.49 -2.47 -4.20
CA HIS A 56 17.87 -2.40 -4.69
C HIS A 56 18.34 -3.70 -5.30
N GLU A 57 17.43 -4.65 -5.52
CA GLU A 57 17.67 -5.83 -6.34
C GLU A 57 18.93 -6.59 -5.89
N GLY A 58 19.04 -6.80 -4.58
CA GLY A 58 20.02 -7.73 -4.04
C GLY A 58 21.44 -7.24 -3.97
N ASN A 59 21.68 -5.93 -4.10
CA ASN A 59 23.03 -5.41 -3.94
C ASN A 59 23.44 -5.28 -2.47
N ILE A 60 22.52 -5.48 -1.54
CA ILE A 60 22.79 -5.35 -0.11
C ILE A 60 22.96 -6.75 0.46
N LYS A 61 24.11 -6.99 1.10
CA LYS A 61 24.33 -8.24 1.80
C LYS A 61 23.79 -8.10 3.23
N TYR A 62 22.66 -8.76 3.50
CA TYR A 62 22.10 -8.80 4.85
C TYR A 62 22.74 -9.90 5.66
N VAL A 63 23.15 -9.57 6.89
CA VAL A 63 23.92 -10.48 7.73
C VAL A 63 23.06 -11.00 8.88
N ASN A 64 22.83 -10.18 9.90
CA ASN A 64 21.60 -10.26 10.64
C ASN A 64 21.58 -9.35 11.87
N ASP A 65 20.73 -9.67 12.86
CA ASP A 65 20.94 -9.14 14.21
C ASP A 65 22.40 -8.79 14.40
N VAL A 66 22.68 -7.56 14.85
CA VAL A 66 24.04 -7.03 14.93
C VAL A 66 24.85 -7.75 16.00
N ARG A 67 24.19 -8.30 17.02
CA ARG A 67 24.91 -8.89 18.15
C ARG A 67 25.59 -10.21 17.81
N ASN A 68 25.30 -10.80 16.65
CA ASN A 68 25.94 -12.03 16.22
C ASN A 68 27.08 -11.78 15.23
N ILE A 69 27.39 -10.52 14.94
CA ILE A 69 28.52 -10.18 14.08
C ILE A 69 29.80 -10.31 14.90
N THR A 70 30.75 -11.08 14.39
CA THR A 70 31.99 -11.36 15.11
C THR A 70 33.14 -10.53 14.55
N LYS A 71 34.23 -10.48 15.31
CA LYS A 71 35.44 -9.84 14.81
C LYS A 71 35.89 -10.51 13.51
N LYS A 72 35.76 -11.83 13.43
CA LYS A 72 36.06 -12.52 12.18
C LYS A 72 35.16 -12.04 11.05
N ASN A 73 33.88 -11.86 11.34
CA ASN A 73 32.96 -11.35 10.32
C ASN A 73 33.42 -10.00 9.80
N ILE A 74 33.83 -9.09 10.69
CA ILE A 74 34.27 -7.77 10.26
C ILE A 74 35.52 -7.86 9.39
N GLU A 75 36.35 -8.86 9.64
CA GLU A 75 37.58 -9.00 8.87
C GLU A 75 37.32 -9.66 7.51
N GLU A 76 36.45 -10.67 7.46
CA GLU A 76 36.09 -11.28 6.19
C GLU A 76 35.33 -10.29 5.31
N TRP A 77 34.25 -9.73 5.83
CA TRP A 77 33.43 -8.82 5.03
C TRP A 77 34.17 -7.54 4.67
N GLY A 78 35.14 -7.15 5.49
CA GLY A 78 35.90 -5.94 5.25
C GLY A 78 36.88 -6.08 4.12
N PRO A 79 37.73 -5.06 3.91
CA PRO A 79 37.69 -3.84 4.74
C PRO A 79 36.49 -2.98 4.41
N PHE A 80 36.10 -2.11 5.33
CA PHE A 80 34.99 -1.19 5.13
C PHE A 80 35.51 0.23 5.06
N ASP A 81 35.05 0.98 4.06
CA ASP A 81 35.39 2.39 3.93
C ASP A 81 34.43 3.30 4.69
N LEU A 82 33.23 2.82 4.98
CA LEU A 82 32.20 3.63 5.63
C LEU A 82 31.38 2.74 6.56
N VAL A 83 31.25 3.16 7.81
CA VAL A 83 30.44 2.47 8.81
C VAL A 83 29.40 3.45 9.32
N ILE A 84 28.13 3.17 9.03
CA ILE A 84 27.04 4.08 9.36
C ILE A 84 25.95 3.28 10.07
N GLY A 85 25.29 3.92 11.04
CA GLY A 85 24.22 3.27 11.76
C GLY A 85 23.47 4.18 12.72
N GLY A 86 22.17 3.98 12.85
CA GLY A 86 21.39 4.66 13.85
C GLY A 86 20.68 3.68 14.78
N SER A 87 21.09 3.66 16.05
CA SER A 87 20.51 2.71 16.99
C SER A 87 19.06 3.03 17.26
N PRO A 88 18.25 2.01 17.57
CA PRO A 88 16.85 2.26 17.92
C PRO A 88 16.74 3.24 19.08
N CYS A 89 15.77 4.14 18.98
CA CYS A 89 15.58 5.21 19.96
C CYS A 89 14.34 5.02 20.81
N ASN A 90 13.70 3.84 20.74
CA ASN A 90 12.47 3.64 21.50
C ASN A 90 12.70 3.73 23.00
N ASP A 91 13.92 3.42 23.46
CA ASP A 91 14.27 3.53 24.87
C ASP A 91 15.16 4.73 25.15
N LEU A 92 15.34 5.62 24.18
CA LEU A 92 16.14 6.82 24.36
C LEU A 92 15.38 8.11 24.11
N SER A 93 14.43 8.11 23.17
CA SER A 93 13.70 9.33 22.87
C SER A 93 12.79 9.71 24.03
N ASN A 94 12.67 11.02 24.28
CA ASN A 94 11.86 11.51 25.38
C ASN A 94 10.37 11.31 25.17
N VAL A 95 9.95 10.88 23.98
CA VAL A 95 8.53 10.73 23.71
C VAL A 95 7.95 9.54 24.46
N ASN A 96 8.79 8.55 24.78
CA ASN A 96 8.34 7.38 25.53
C ASN A 96 8.56 7.62 27.01
N PRO A 97 7.51 7.78 27.81
CA PRO A 97 7.71 8.02 29.24
C PRO A 97 8.39 6.86 29.96
N ALA A 98 8.17 5.62 29.50
CA ALA A 98 8.71 4.44 30.15
C ALA A 98 10.01 3.97 29.48
N ARG A 99 10.75 4.87 28.86
CA ARG A 99 12.01 4.49 28.24
C ARG A 99 13.02 4.05 29.29
N LYS A 100 13.90 3.14 28.90
CA LYS A 100 14.82 2.49 29.83
C LYS A 100 16.25 3.01 29.71
N GLY A 101 16.52 3.93 28.81
CA GLY A 101 17.82 4.56 28.73
C GLY A 101 18.84 3.79 27.90
N LEU A 102 20.06 4.32 27.93
CA LEU A 102 21.14 3.83 27.08
C LEU A 102 21.75 2.52 27.57
N TYR A 103 21.54 2.14 28.82
CA TYR A 103 22.20 0.98 29.40
C TYR A 103 21.27 -0.20 29.64
N GLU A 104 19.97 -0.05 29.42
CA GLU A 104 19.02 -1.13 29.55
C GLU A 104 18.07 -1.13 28.36
N GLY A 105 17.27 -2.19 28.25
CA GLY A 105 16.33 -2.27 27.16
C GLY A 105 17.04 -2.27 25.81
N THR A 106 16.61 -1.36 24.94
CA THR A 106 17.15 -1.27 23.59
C THR A 106 18.27 -0.25 23.44
N GLY A 107 18.39 0.70 24.37
CA GLY A 107 19.45 1.69 24.26
C GLY A 107 20.83 1.07 24.19
N ARG A 108 21.02 -0.07 24.85
CA ARG A 108 22.34 -0.70 24.88
C ARG A 108 22.78 -1.19 23.50
N LEU A 109 21.86 -1.27 22.53
CA LEU A 109 22.25 -1.65 21.18
C LEU A 109 23.21 -0.63 20.57
N PHE A 110 23.23 0.60 21.09
CA PHE A 110 24.22 1.57 20.64
C PHE A 110 25.63 1.01 20.75
N PHE A 111 25.95 0.39 21.89
CA PHE A 111 27.31 -0.08 22.13
C PHE A 111 27.73 -1.13 21.09
N GLU A 112 26.78 -1.84 20.51
CA GLU A 112 27.11 -2.74 19.41
C GLU A 112 27.71 -1.98 18.24
N PHE A 113 27.10 -0.85 17.88
CA PHE A 113 27.69 0.03 16.87
C PHE A 113 29.09 0.48 17.29
N TYR A 114 29.23 0.90 18.56
CA TYR A 114 30.55 1.25 19.08
C TYR A 114 31.50 0.07 18.97
N HIS A 115 31.06 -1.11 19.41
CA HIS A 115 31.92 -2.30 19.39
C HIS A 115 32.39 -2.60 17.97
N LEU A 116 31.45 -2.76 17.05
CA LEU A 116 31.82 -3.10 15.67
C LEU A 116 32.60 -1.98 15.00
N LEU A 117 32.40 -0.73 15.44
CA LEU A 117 33.16 0.37 14.86
C LEU A 117 34.66 0.19 15.11
N ASN A 118 35.03 -0.17 16.34
CA ASN A 118 36.43 -0.37 16.65
C ASN A 118 36.99 -1.58 15.91
N TYR A 119 36.20 -2.64 15.77
CA TYR A 119 36.62 -3.77 14.94
C TYR A 119 36.92 -3.31 13.52
N SER A 120 36.10 -2.42 12.99
CA SER A 120 36.25 -1.96 11.61
C SER A 120 37.35 -0.91 11.44
N ARG A 121 37.76 -0.26 12.51
CA ARG A 121 38.74 0.80 12.40
C ARG A 121 40.04 0.28 11.78
N PRO A 122 40.65 1.02 10.87
CA PRO A 122 41.96 0.61 10.35
C PRO A 122 42.98 0.52 11.47
N LYS A 123 43.79 -0.55 11.44
CA LYS A 123 44.78 -0.75 12.47
C LYS A 123 45.83 0.38 12.43
N GLU A 124 46.60 0.46 13.52
CA GLU A 124 47.64 1.48 13.62
C GLU A 124 48.62 1.34 12.46
N GLY A 125 48.84 2.44 11.74
CA GLY A 125 49.71 2.44 10.58
C GLY A 125 49.00 2.29 9.25
N ASP A 126 47.68 2.39 9.22
CA ASP A 126 46.89 2.27 8.00
C ASP A 126 46.31 3.65 7.69
N ASP A 127 47.07 4.45 6.94
CA ASP A 127 46.66 5.81 6.61
C ASP A 127 45.46 5.87 5.66
N ARG A 128 44.98 4.74 5.17
CA ARG A 128 43.86 4.75 4.23
C ARG A 128 42.67 5.47 4.84
N PRO A 129 41.84 6.12 4.03
CA PRO A 129 40.69 6.84 4.57
C PRO A 129 39.69 5.88 5.20
N PHE A 130 38.91 6.42 6.14
CA PHE A 130 37.87 5.64 6.81
C PHE A 130 36.91 6.61 7.47
N PHE A 131 35.63 6.52 7.10
CA PHE A 131 34.61 7.43 7.60
C PHE A 131 33.52 6.65 8.30
N TRP A 132 32.84 7.31 9.24
CA TRP A 132 31.76 6.69 10.00
C TRP A 132 30.79 7.78 10.45
N MET A 133 29.58 7.35 10.80
CA MET A 133 28.54 8.28 11.21
C MET A 133 27.52 7.54 12.05
N PHE A 134 27.08 8.18 13.13
CA PHE A 134 26.05 7.62 14.02
C PHE A 134 24.97 8.66 14.23
N GLU A 135 23.71 8.23 14.13
CA GLU A 135 22.56 9.11 14.24
C GLU A 135 21.65 8.65 15.38
N ASN A 136 20.94 9.60 15.97
CA ASN A 136 19.94 9.29 16.98
C ASN A 136 19.18 10.58 17.30
N VAL A 137 18.18 10.44 18.17
CA VAL A 137 17.23 11.53 18.42
C VAL A 137 17.88 12.60 19.28
N VAL A 138 17.34 13.83 19.17
CA VAL A 138 17.78 14.91 20.02
C VAL A 138 17.16 14.80 21.41
N ALA A 139 15.91 14.35 21.48
CA ALA A 139 15.19 14.28 22.75
C ALA A 139 15.72 13.14 23.59
N MET A 140 16.95 13.28 24.09
CA MET A 140 17.62 12.23 24.84
C MET A 140 18.21 12.81 26.11
N LYS A 141 18.16 12.03 27.18
CA LYS A 141 18.75 12.43 28.45
C LYS A 141 20.18 12.94 28.24
N VAL A 142 20.51 14.04 28.91
CA VAL A 142 21.84 14.61 28.76
C VAL A 142 22.91 13.58 29.10
N GLY A 143 22.65 12.76 30.12
CA GLY A 143 23.61 11.72 30.47
C GLY A 143 23.85 10.75 29.34
N ASP A 144 22.79 10.41 28.59
CA ASP A 144 22.94 9.49 27.46
C ASP A 144 23.74 10.15 26.33
N LYS A 145 23.35 11.36 25.93
CA LYS A 145 24.12 12.09 24.94
C LYS A 145 25.58 12.21 25.36
N ARG A 146 25.82 12.52 26.64
CA ARG A 146 27.18 12.60 27.16
C ARG A 146 27.93 11.29 26.94
N ASP A 147 27.36 10.19 27.44
CA ASP A 147 28.05 8.91 27.36
C ASP A 147 28.26 8.48 25.92
N ILE A 148 27.25 8.67 25.06
CA ILE A 148 27.42 8.36 23.65
C ILE A 148 28.63 9.09 23.09
N SER A 149 28.69 10.41 23.28
CA SER A 149 29.86 11.17 22.85
C SER A 149 31.14 10.62 23.48
N ARG A 150 31.05 10.16 24.74
CA ARG A 150 32.21 9.60 25.41
C ARG A 150 32.74 8.37 24.67
N PHE A 151 31.86 7.43 24.36
CA PHE A 151 32.29 6.19 23.73
C PHE A 151 32.77 6.43 22.30
N LEU A 152 32.13 7.35 21.58
CA LEU A 152 32.52 7.65 20.21
C LEU A 152 33.64 8.68 20.12
N GLU A 153 34.03 9.31 21.23
CA GLU A 153 35.11 10.29 21.26
C GLU A 153 34.89 11.36 20.19
N CYS A 154 33.65 11.85 20.12
CA CYS A 154 33.28 12.86 19.14
C CYS A 154 32.04 13.57 19.63
N ASN A 155 31.89 14.82 19.23
CA ASN A 155 30.69 15.52 19.63
C ASN A 155 29.72 15.64 18.46
N PRO A 156 28.43 15.46 18.70
CA PRO A 156 27.46 15.42 17.61
C PRO A 156 27.10 16.80 17.09
N VAL A 157 26.83 16.86 15.79
CA VAL A 157 26.24 18.02 15.15
C VAL A 157 24.75 17.74 14.97
N MET A 158 23.91 18.68 15.40
CA MET A 158 22.47 18.53 15.24
C MET A 158 22.05 19.14 13.91
N ILE A 159 21.32 18.35 13.11
CA ILE A 159 20.78 18.82 11.84
C ILE A 159 19.29 18.52 11.85
N ASP A 160 18.47 19.55 11.64
CA ASP A 160 17.02 19.42 11.61
C ASP A 160 16.57 19.32 10.16
N ALA A 161 15.84 18.26 9.84
CA ALA A 161 15.41 18.02 8.46
C ALA A 161 14.56 19.14 7.91
N ILE A 162 14.10 20.07 8.74
CA ILE A 162 13.19 21.11 8.24
C ILE A 162 13.90 22.01 7.23
N LYS A 163 15.22 22.17 7.34
CA LYS A 163 15.94 23.04 6.42
C LYS A 163 15.88 22.54 4.99
N VAL A 164 15.64 21.24 4.77
CA VAL A 164 15.69 20.67 3.44
C VAL A 164 14.46 19.82 3.16
N SER A 165 13.65 19.57 4.18
CA SER A 165 12.43 18.80 4.02
C SER A 165 11.24 19.64 4.50
N ALA A 166 10.06 19.01 4.49
CA ALA A 166 8.83 19.64 4.94
C ALA A 166 8.40 19.18 6.33
N ALA A 167 9.33 18.66 7.13
CA ALA A 167 8.99 18.07 8.41
C ALA A 167 10.01 18.48 9.47
N HIS A 168 9.56 18.51 10.71
CA HIS A 168 10.45 18.70 11.86
C HIS A 168 11.18 17.40 12.14
N ARG A 169 12.50 17.39 11.98
CA ARG A 169 13.30 16.22 12.35
C ARG A 169 14.68 16.71 12.79
N ALA A 170 14.84 16.90 14.09
CA ALA A 170 16.10 17.32 14.68
C ALA A 170 16.82 16.10 15.24
N ARG A 171 17.99 15.81 14.71
CA ARG A 171 18.73 14.61 15.07
C ARG A 171 20.21 14.95 15.29
N TYR A 172 20.81 14.30 16.28
CA TYR A 172 22.24 14.40 16.48
C TYR A 172 22.97 13.48 15.50
N PHE A 173 24.17 13.91 15.10
CA PHE A 173 24.98 13.15 14.14
C PHE A 173 26.44 13.15 14.63
N TRP A 174 26.81 12.09 15.32
CA TRP A 174 28.21 11.82 15.60
C TRP A 174 28.88 11.27 14.34
N GLY A 175 30.14 11.62 14.14
CA GLY A 175 30.87 11.09 13.01
C GLY A 175 32.10 11.92 12.69
N ASN A 176 32.78 11.49 11.63
CA ASN A 176 33.99 12.14 11.14
C ASN A 176 33.86 12.53 9.67
N LEU A 177 32.64 12.68 9.17
CA LEU A 177 32.45 12.99 7.77
C LEU A 177 33.04 14.37 7.45
N PRO A 178 33.59 14.55 6.26
CA PRO A 178 34.13 15.86 5.89
C PRO A 178 33.04 16.93 5.90
N GLY A 179 33.29 18.00 6.64
CA GLY A 179 32.37 19.12 6.70
C GLY A 179 30.97 18.77 7.14
N MET A 180 30.82 18.29 8.37
CA MET A 180 29.49 18.08 8.93
C MET A 180 28.91 19.36 9.50
N ASN A 181 29.76 20.26 9.98
CA ASN A 181 29.33 21.52 10.57
C ASN A 181 29.04 22.59 9.53
N ARG A 182 29.28 22.30 8.24
CA ARG A 182 29.04 23.28 7.20
C ARG A 182 27.57 23.70 7.18
N PRO A 183 27.29 24.89 6.66
CA PRO A 183 25.88 25.33 6.57
C PRO A 183 25.07 24.41 5.69
N VAL A 184 23.89 24.03 6.18
CA VAL A 184 22.97 23.18 5.41
C VAL A 184 22.23 24.06 4.43
N ILE A 185 22.37 23.77 3.14
CA ILE A 185 21.76 24.55 2.07
C ILE A 185 20.79 23.66 1.30
N ALA A 186 19.69 24.26 0.86
CA ALA A 186 18.67 23.52 0.13
C ALA A 186 19.06 23.32 -1.32
N SER A 187 18.41 22.36 -1.97
CA SER A 187 18.60 22.06 -3.37
C SER A 187 17.37 22.50 -4.16
N LYS A 188 17.53 22.56 -5.49
CA LYS A 188 16.40 22.93 -6.34
C LYS A 188 15.39 21.81 -6.47
N ASN A 189 15.76 20.58 -6.11
CA ASN A 189 14.86 19.44 -6.15
C ASN A 189 14.42 18.99 -4.77
N ASP A 190 14.63 19.83 -3.75
CA ASP A 190 14.15 19.55 -2.41
C ASP A 190 12.71 20.04 -2.27
N LYS A 191 11.84 19.17 -1.75
CA LYS A 191 10.44 19.52 -1.54
C LYS A 191 10.33 20.12 -0.15
N LEU A 192 10.39 21.45 -0.08
CA LEU A 192 10.50 22.17 1.18
C LEU A 192 9.15 22.45 1.83
N GLU A 193 8.06 22.46 1.08
CA GLU A 193 6.73 22.72 1.62
C GLU A 193 5.85 21.49 1.46
N LEU A 194 5.01 21.26 2.47
CA LEU A 194 4.14 20.08 2.44
C LEU A 194 3.36 20.00 1.13
N GLN A 195 2.89 21.14 0.62
CA GLN A 195 2.14 21.13 -0.63
C GLN A 195 2.93 20.49 -1.76
N ASP A 196 4.26 20.59 -1.72
CA ASP A 196 5.09 19.98 -2.76
C ASP A 196 5.09 18.46 -2.67
N CYS A 197 4.75 17.89 -1.52
CA CYS A 197 4.80 16.45 -1.33
C CYS A 197 3.45 15.78 -1.56
N LEU A 198 2.36 16.53 -1.65
CA LEU A 198 1.04 15.95 -1.76
C LEU A 198 0.74 15.52 -3.20
N GLU A 199 -0.30 14.71 -3.34
CA GLU A 199 -0.75 14.24 -4.64
C GLU A 199 -1.59 15.31 -5.33
N TYR A 200 -2.12 14.96 -6.50
CA TYR A 200 -2.98 15.87 -7.22
C TYR A 200 -4.31 16.05 -6.48
N ASN A 201 -4.88 17.24 -6.61
CA ASN A 201 -6.16 17.57 -5.98
C ASN A 201 -6.11 17.37 -4.47
N ARG A 202 -4.99 17.75 -3.86
CA ARG A 202 -4.84 17.73 -2.42
C ARG A 202 -4.26 19.06 -1.97
N ILE A 203 -4.85 19.66 -0.94
CA ILE A 203 -4.45 20.97 -0.45
C ILE A 203 -3.77 20.79 0.90
N ALA A 204 -2.62 21.42 1.07
CA ALA A 204 -1.88 21.36 2.32
C ALA A 204 -2.34 22.47 3.26
N LYS A 205 -2.74 22.08 4.48
CA LYS A 205 -3.13 23.08 5.46
C LYS A 205 -1.92 23.83 6.02
N LEU A 206 -0.78 23.15 6.13
CA LEU A 206 0.40 23.72 6.76
C LEU A 206 1.54 23.83 5.77
N LYS A 207 2.49 24.72 6.09
CA LYS A 207 3.73 24.81 5.34
C LYS A 207 4.72 23.73 5.77
N LYS A 208 4.71 23.37 7.05
CA LYS A 208 5.61 22.37 7.60
C LYS A 208 4.82 21.48 8.56
N VAL A 209 5.21 20.22 8.64
CA VAL A 209 4.56 19.27 9.54
C VAL A 209 5.53 18.92 10.67
N GLN A 210 4.96 18.47 11.78
CA GLN A 210 5.75 18.16 12.97
C GLN A 210 6.48 16.82 12.80
N THR A 211 7.41 16.57 13.72
CA THR A 211 8.21 15.35 13.70
C THR A 211 7.32 14.12 13.56
N ILE A 212 7.61 13.31 12.54
CA ILE A 212 6.81 12.14 12.23
C ILE A 212 7.38 10.94 12.96
N THR A 213 6.55 10.31 13.80
CA THR A 213 6.93 9.12 14.54
C THR A 213 6.34 7.89 13.88
N THR A 214 6.48 6.74 14.53
CA THR A 214 5.92 5.50 13.99
C THR A 214 4.40 5.50 14.03
N LYS A 215 3.80 6.16 15.02
CA LYS A 215 2.37 6.14 15.20
C LYS A 215 1.69 7.21 14.36
N SER A 216 0.49 6.89 13.87
CA SER A 216 -0.25 7.78 12.98
C SER A 216 -0.67 9.08 13.65
N ALA A 217 -0.46 9.22 14.96
CA ALA A 217 -0.90 10.44 15.64
C ALA A 217 -0.02 11.62 15.29
N SER A 218 1.26 11.38 14.96
CA SER A 218 2.15 12.47 14.59
C SER A 218 1.76 13.11 13.27
N ILE A 219 0.78 12.56 12.56
CA ILE A 219 0.30 13.20 11.34
C ILE A 219 -0.75 14.25 11.67
N LYS A 220 -1.52 14.04 12.73
CA LYS A 220 -2.46 15.06 13.20
C LYS A 220 -1.67 16.22 13.82
N GLN A 221 -1.75 17.38 13.19
CA GLN A 221 -0.86 18.49 13.51
C GLN A 221 -1.36 19.30 14.70
N GLY A 222 -0.42 19.86 15.46
CA GLY A 222 -0.72 20.81 16.49
C GLY A 222 -1.44 20.21 17.70
N LYS A 223 -1.75 21.10 18.65
CA LYS A 223 -2.46 20.69 19.85
C LYS A 223 -3.90 20.29 19.55
N ASN A 224 -4.53 20.94 18.56
CA ASN A 224 -5.88 20.57 18.18
C ASN A 224 -5.94 19.28 17.36
N GLN A 225 -4.79 18.73 16.97
CA GLN A 225 -4.74 17.46 16.24
C GLN A 225 -5.59 17.52 14.97
N LEU A 226 -5.43 18.61 14.22
CA LEU A 226 -6.17 18.78 12.98
C LEU A 226 -5.56 17.94 11.86
N PHE A 227 -6.41 17.57 10.90
CA PHE A 227 -5.93 16.85 9.73
C PHE A 227 -5.11 17.80 8.85
N PRO A 228 -4.03 17.33 8.25
CA PRO A 228 -3.15 18.22 7.49
C PRO A 228 -3.53 18.41 6.03
N VAL A 229 -4.52 17.68 5.52
CA VAL A 229 -4.85 17.69 4.11
C VAL A 229 -6.34 17.88 3.93
N VAL A 230 -6.71 18.72 2.97
CA VAL A 230 -8.09 18.86 2.51
C VAL A 230 -8.17 18.34 1.08
N MET A 231 -9.09 17.41 0.85
CA MET A 231 -9.33 16.85 -0.47
C MET A 231 -10.83 16.85 -0.73
N ASN A 232 -11.24 17.48 -1.84
CA ASN A 232 -12.65 17.62 -2.17
C ASN A 232 -13.41 18.21 -0.99
N GLY A 233 -12.81 19.20 -0.34
CA GLY A 233 -13.45 19.85 0.80
C GLY A 233 -13.70 18.92 1.97
N LYS A 234 -12.79 17.98 2.23
CA LYS A 234 -12.92 17.07 3.34
C LYS A 234 -11.56 16.86 4.00
N GLU A 235 -11.56 16.78 5.32
CA GLU A 235 -10.34 16.56 6.07
C GLU A 235 -9.78 15.17 5.77
N ASP A 236 -8.45 15.08 5.68
CA ASP A 236 -7.82 13.80 5.42
C ASP A 236 -6.40 13.80 5.95
N VAL A 237 -5.90 12.61 6.26
CA VAL A 237 -4.54 12.39 6.75
C VAL A 237 -3.58 12.27 5.57
N LEU A 238 -2.29 12.33 5.85
CA LEU A 238 -1.27 12.14 4.82
C LEU A 238 -1.35 10.73 4.26
N TRP A 239 -0.86 10.58 3.03
CA TRP A 239 -0.79 9.30 2.35
C TRP A 239 0.64 8.75 2.39
N CYS A 240 0.74 7.43 2.21
CA CYS A 240 2.05 6.79 2.26
C CYS A 240 3.01 7.37 1.22
N THR A 241 2.53 7.55 -0.01
CA THR A 241 3.35 8.19 -1.02
C THR A 241 3.71 9.61 -0.64
N GLU A 242 2.86 10.27 0.16
CA GLU A 242 3.15 11.62 0.61
C GLU A 242 4.16 11.62 1.75
N LEU A 243 4.01 10.70 2.72
CA LEU A 243 5.04 10.54 3.73
C LEU A 243 6.39 10.26 3.09
N GLU A 244 6.43 9.39 2.07
CA GLU A 244 7.68 9.09 1.40
C GLU A 244 8.30 10.34 0.79
N ARG A 245 7.49 11.17 0.13
CA ARG A 245 8.02 12.40 -0.45
C ARG A 245 8.50 13.36 0.63
N ILE A 246 7.80 13.42 1.77
CA ILE A 246 8.23 14.27 2.87
C ILE A 246 9.65 13.91 3.29
N PHE A 247 9.96 12.61 3.33
CA PHE A 247 11.27 12.15 3.80
C PHE A 247 12.35 12.25 2.73
N GLY A 248 11.98 12.41 1.47
CA GLY A 248 12.94 12.38 0.39
C GLY A 248 13.14 11.03 -0.25
N PHE A 249 12.44 10.00 0.23
CA PHE A 249 12.51 8.70 -0.41
C PHE A 249 11.80 8.74 -1.76
N PRO A 250 12.18 7.88 -2.70
CA PRO A 250 11.42 7.76 -3.94
C PRO A 250 9.99 7.34 -3.64
N VAL A 251 9.04 7.89 -4.40
CA VAL A 251 7.65 7.53 -4.21
C VAL A 251 7.46 6.04 -4.45
N HIS A 252 6.66 5.41 -3.60
CA HIS A 252 6.41 3.97 -3.65
C HIS A 252 7.59 3.15 -3.14
N TYR A 253 8.51 3.79 -2.42
CA TYR A 253 9.68 3.09 -1.90
C TYR A 253 9.29 1.99 -0.93
N THR A 254 8.16 2.14 -0.24
CA THR A 254 7.71 1.17 0.76
C THR A 254 6.43 0.46 0.33
N ASP A 255 6.07 0.51 -0.95
CA ASP A 255 4.99 -0.33 -1.48
C ASP A 255 5.56 -1.73 -1.68
N VAL A 256 5.77 -2.42 -0.56
CA VAL A 256 6.50 -3.68 -0.53
C VAL A 256 5.88 -4.60 0.50
N SER A 257 5.99 -5.90 0.25
CA SER A 257 5.65 -6.94 1.23
C SER A 257 4.19 -6.84 1.67
N ASN A 258 3.31 -6.39 0.77
CA ASN A 258 1.89 -6.21 1.08
C ASN A 258 1.68 -5.37 2.35
N MET A 259 2.66 -4.55 2.69
CA MET A 259 2.53 -3.69 3.86
C MET A 259 1.38 -2.71 3.68
N GLY A 260 0.70 -2.41 4.78
CA GLY A 260 -0.40 -1.47 4.78
C GLY A 260 0.04 -0.07 5.14
N ARG A 261 -0.84 0.65 5.84
N ARG A 261 -0.85 0.66 5.83
CA ARG A 261 -0.53 2.03 6.21
CA ARG A 261 -0.57 2.03 6.21
C ARG A 261 0.27 2.10 7.50
C ARG A 261 0.28 2.08 7.48
N GLY A 262 -0.15 1.36 8.52
CA GLY A 262 0.60 1.33 9.76
C GLY A 262 2.02 0.84 9.58
N ALA A 263 2.18 -0.24 8.81
CA ALA A 263 3.52 -0.79 8.59
C ALA A 263 4.43 0.20 7.87
N ARG A 264 3.91 0.83 6.81
CA ARG A 264 4.75 1.72 6.02
C ARG A 264 5.15 2.96 6.81
N GLN A 265 4.24 3.49 7.63
CA GLN A 265 4.61 4.62 8.48
C GLN A 265 5.57 4.19 9.58
N LYS A 266 5.44 2.95 10.07
CA LYS A 266 6.36 2.45 11.08
C LYS A 266 7.79 2.41 10.56
N LEU A 267 7.97 1.99 9.30
CA LEU A 267 9.31 1.99 8.73
C LEU A 267 9.80 3.40 8.44
N LEU A 268 8.91 4.26 7.94
CA LEU A 268 9.32 5.64 7.65
C LEU A 268 9.50 6.45 8.92
N GLY A 269 8.82 6.07 10.00
CA GLY A 269 8.90 6.86 11.22
C GLY A 269 10.29 6.90 11.81
N ARG A 270 11.02 5.78 11.75
CA ARG A 270 12.36 5.70 12.30
C ARG A 270 13.45 5.87 11.26
N SER A 271 13.09 6.15 10.01
CA SER A 271 14.07 6.34 8.95
C SER A 271 14.72 7.72 9.07
N TRP A 272 15.69 7.96 8.19
CA TRP A 272 16.37 9.25 8.11
C TRP A 272 15.70 10.13 7.06
N SER A 273 15.88 11.44 7.23
CA SER A 273 15.50 12.38 6.19
C SER A 273 16.54 12.29 5.06
N VAL A 274 16.12 11.73 3.93
CA VAL A 274 17.07 11.50 2.83
C VAL A 274 17.90 12.73 2.52
N PRO A 275 17.33 13.92 2.33
CA PRO A 275 18.17 15.09 2.03
C PRO A 275 19.20 15.39 3.11
N VAL A 276 18.88 15.10 4.38
CA VAL A 276 19.86 15.30 5.44
C VAL A 276 21.05 14.37 5.24
N ILE A 277 20.78 13.08 5.05
CA ILE A 277 21.86 12.12 4.82
C ILE A 277 22.64 12.48 3.56
N ARG A 278 21.94 13.00 2.55
CA ARG A 278 22.63 13.46 1.35
C ARG A 278 23.58 14.61 1.68
N HIS A 279 23.14 15.54 2.51
CA HIS A 279 24.03 16.63 2.92
C HIS A 279 25.23 16.11 3.68
N LEU A 280 25.10 14.98 4.37
CA LEU A 280 26.21 14.46 5.17
C LEU A 280 27.17 13.63 4.32
N PHE A 281 26.65 12.86 3.37
CA PHE A 281 27.49 12.01 2.53
C PHE A 281 28.07 12.73 1.32
N ALA A 282 27.60 13.94 1.01
CA ALA A 282 28.04 14.64 -0.19
C ALA A 282 29.56 14.67 -0.36
N PRO A 283 30.35 15.06 0.65
CA PRO A 283 31.80 15.14 0.46
C PRO A 283 32.49 13.80 0.23
N LEU A 284 31.76 12.68 0.28
CA LEU A 284 32.37 11.39 0.01
C LEU A 284 32.64 11.18 -1.47
N LYS A 285 31.97 11.92 -2.34
CA LYS A 285 32.23 11.81 -3.78
C LYS A 285 33.69 12.07 -4.11
N ASP A 286 34.37 12.87 -3.28
CA ASP A 286 35.77 13.21 -3.49
C ASP A 286 36.71 12.21 -2.84
N TYR A 287 36.23 11.01 -2.49
CA TYR A 287 37.09 9.98 -1.95
C TYR A 287 36.86 8.58 -2.52
N PHE A 288 35.86 8.38 -3.36
CA PHE A 288 35.54 7.05 -3.87
C PHE A 288 35.05 7.15 -5.31
N ALA A 289 35.16 6.03 -6.03
CA ALA A 289 34.78 6.01 -7.44
C ALA A 289 33.31 6.38 -7.60
N CYS A 290 32.97 6.92 -8.77
CA CYS A 290 31.63 7.42 -9.05
C CYS A 290 31.18 6.94 -10.42
N GLU A 291 30.03 6.27 -10.46
CA GLU A 291 29.41 5.86 -11.72
C GLU A 291 28.15 5.03 -11.45
N PHE B 2 52.47 -14.41 25.51
CA PHE B 2 53.33 -13.71 26.46
C PHE B 2 54.42 -14.63 26.99
N GLU B 3 55.60 -14.54 26.39
CA GLU B 3 56.74 -15.31 26.89
C GLU B 3 57.10 -14.88 28.31
N THR B 4 57.81 -15.75 29.01
CA THR B 4 58.22 -15.44 30.37
C THR B 4 59.35 -14.42 30.37
N VAL B 5 59.43 -13.65 31.45
CA VAL B 5 60.43 -12.61 31.62
C VAL B 5 61.36 -13.05 32.75
N PRO B 6 62.67 -13.07 32.54
CA PRO B 6 63.59 -13.43 33.63
C PRO B 6 63.38 -12.54 34.85
N VAL B 7 63.75 -13.09 36.02
CA VAL B 7 63.48 -12.41 37.28
C VAL B 7 64.14 -11.04 37.33
N TRP B 8 65.32 -10.90 36.72
CA TRP B 8 66.09 -9.67 36.81
C TRP B 8 65.64 -8.60 35.82
N ARG B 9 64.57 -8.84 35.05
CA ARG B 9 64.00 -7.85 34.17
C ARG B 9 62.54 -7.56 34.48
N ARG B 10 62.03 -8.09 35.59
CA ARG B 10 60.62 -7.93 35.96
C ARG B 10 60.45 -6.60 36.69
N GLN B 11 59.88 -5.62 36.01
CA GLN B 11 59.62 -4.32 36.63
C GLN B 11 58.38 -4.41 37.51
N PRO B 12 58.18 -3.41 38.39
CA PRO B 12 56.96 -3.38 39.18
C PRO B 12 55.74 -3.08 38.32
N VAL B 13 54.58 -3.56 38.78
CA VAL B 13 53.36 -3.40 38.02
C VAL B 13 52.92 -1.94 38.05
N ARG B 14 52.27 -1.52 36.97
CA ARG B 14 51.59 -0.23 36.87
C ARG B 14 50.12 -0.55 36.63
N VAL B 15 49.34 -0.62 37.71
CA VAL B 15 47.98 -1.15 37.68
C VAL B 15 46.98 -0.01 37.63
N LEU B 16 45.95 -0.18 36.81
CA LEU B 16 44.81 0.73 36.75
C LEU B 16 43.60 -0.01 37.31
N SER B 17 43.11 0.44 38.46
CA SER B 17 42.02 -0.22 39.18
C SER B 17 40.76 0.63 39.11
N LEU B 18 39.65 0.00 38.73
CA LEU B 18 38.41 0.71 38.47
C LEU B 18 37.25 0.09 39.25
N PHE B 19 36.41 0.96 39.80
CA PHE B 19 35.15 0.60 40.46
C PHE B 19 35.37 -0.04 41.82
N GLU B 20 36.62 -0.40 42.10
CA GLU B 20 36.99 -1.12 43.31
C GLU B 20 38.49 -1.01 43.47
N ASP B 21 38.93 -0.82 44.71
CA ASP B 21 40.34 -0.64 45.01
C ASP B 21 40.91 -1.95 45.50
N ILE B 22 41.97 -2.42 44.84
CA ILE B 22 42.66 -3.64 45.21
C ILE B 22 44.09 -3.36 45.67
N LYS B 23 44.35 -2.11 46.09
CA LYS B 23 45.68 -1.78 46.60
C LYS B 23 46.07 -2.69 47.76
N LYS B 24 45.11 -3.03 48.62
CA LYS B 24 45.40 -3.93 49.73
C LYS B 24 45.74 -5.33 49.23
N GLU B 25 45.01 -5.82 48.24
CA GLU B 25 45.26 -7.17 47.73
C GLU B 25 46.61 -7.26 47.04
N LEU B 26 46.91 -6.30 46.17
CA LEU B 26 48.17 -6.35 45.43
C LEU B 26 49.37 -6.18 46.35
N THR B 27 49.28 -5.27 47.33
CA THR B 27 50.35 -5.13 48.30
C THR B 27 50.53 -6.41 49.11
N SER B 28 49.44 -7.07 49.46
CA SER B 28 49.52 -8.30 50.24
C SER B 28 50.26 -9.39 49.46
N LEU B 29 49.87 -9.60 48.20
CA LEU B 29 50.50 -10.62 47.38
C LEU B 29 51.88 -10.23 46.88
N GLY B 30 52.28 -8.97 47.02
CA GLY B 30 53.64 -8.57 46.75
C GLY B 30 53.90 -8.03 45.35
N PHE B 31 52.95 -7.26 44.81
CA PHE B 31 53.16 -6.58 43.54
C PHE B 31 53.36 -5.08 43.67
N LEU B 32 52.98 -4.50 44.81
CA LEU B 32 52.97 -3.06 44.99
C LEU B 32 53.96 -2.69 46.10
N GLU B 33 54.83 -1.74 45.81
CA GLU B 33 55.76 -1.23 46.80
C GLU B 33 55.00 -0.68 48.01
N SER B 34 55.70 -0.63 49.15
CA SER B 34 55.11 -0.04 50.35
C SER B 34 55.40 1.45 50.45
N GLY B 35 56.59 1.89 50.03
CA GLY B 35 56.87 3.31 49.98
C GLY B 35 56.04 3.98 48.91
N SER B 36 55.47 5.14 49.25
CA SER B 36 54.57 5.83 48.33
C SER B 36 55.30 6.19 47.05
N ASP B 37 54.75 5.74 45.92
CA ASP B 37 55.29 6.01 44.59
C ASP B 37 55.19 7.48 44.18
N PRO B 38 54.17 8.23 44.62
CA PRO B 38 53.07 7.91 45.55
C PRO B 38 52.18 6.78 45.07
N GLY B 39 52.03 6.64 43.76
CA GLY B 39 51.18 5.60 43.23
C GLY B 39 51.74 4.84 42.04
N GLN B 40 51.98 3.55 42.23
CA GLN B 40 52.14 2.63 41.11
C GLN B 40 50.81 2.00 40.72
N LEU B 41 49.72 2.43 41.35
CA LEU B 41 48.39 1.92 41.07
C LEU B 41 47.42 3.09 41.12
N LYS B 42 46.68 3.29 40.03
CA LYS B 42 45.70 4.36 39.94
C LYS B 42 44.31 3.80 40.12
N HIS B 43 43.49 4.51 40.90
CA HIS B 43 42.13 4.08 41.20
C HIS B 43 41.15 5.20 40.91
N VAL B 44 40.09 4.88 40.18
CA VAL B 44 39.02 5.82 39.88
C VAL B 44 37.68 5.10 40.12
N VAL B 45 36.70 5.85 40.60
CA VAL B 45 35.40 5.30 40.95
C VAL B 45 34.32 5.76 39.98
N ASP B 46 34.36 7.02 39.54
CA ASP B 46 33.40 7.57 38.60
C ASP B 46 34.15 7.94 37.33
N VAL B 47 33.93 7.17 36.26
CA VAL B 47 34.67 7.31 35.01
C VAL B 47 33.83 7.95 33.91
N THR B 48 32.65 8.47 34.24
CA THR B 48 31.77 9.01 33.22
C THR B 48 32.41 10.15 32.43
N ASP B 49 33.44 10.81 33.00
CA ASP B 49 34.05 11.97 32.37
C ASP B 49 35.55 11.80 32.14
N THR B 50 36.04 10.56 32.17
CA THR B 50 37.46 10.30 31.89
C THR B 50 37.63 10.05 30.39
N VAL B 51 38.62 10.71 29.80
CA VAL B 51 38.85 10.65 28.37
C VAL B 51 40.13 9.88 28.10
N ARG B 52 40.34 9.54 26.83
CA ARG B 52 41.51 8.75 26.44
C ARG B 52 42.80 9.44 26.88
N LYS B 53 42.90 10.76 26.63
CA LYS B 53 44.12 11.48 26.99
C LYS B 53 44.33 11.51 28.50
N ASP B 54 43.29 11.25 29.29
CA ASP B 54 43.47 11.11 30.72
C ASP B 54 44.20 9.80 31.05
N VAL B 55 43.74 8.69 30.49
CA VAL B 55 44.40 7.41 30.73
C VAL B 55 45.81 7.42 30.14
N GLU B 56 45.96 7.97 28.94
CA GLU B 56 47.29 8.07 28.35
C GLU B 56 48.22 8.90 29.24
N GLU B 57 47.72 10.03 29.73
CA GLU B 57 48.54 10.89 30.59
C GLU B 57 48.98 10.17 31.86
N TRP B 58 48.17 9.23 32.34
CA TRP B 58 48.43 8.56 33.61
C TRP B 58 49.54 7.53 33.51
N GLY B 59 50.26 7.55 32.40
CA GLY B 59 51.39 6.66 32.22
C GLY B 59 50.94 5.28 31.80
N PRO B 60 51.79 4.58 31.05
CA PRO B 60 51.44 3.22 30.60
C PRO B 60 51.03 2.35 31.78
N PHE B 61 50.06 1.48 31.54
CA PHE B 61 49.52 0.58 32.56
C PHE B 61 49.83 -0.86 32.17
N ASP B 62 50.42 -1.60 33.10
CA ASP B 62 50.72 -3.01 32.85
C ASP B 62 49.50 -3.90 33.02
N LEU B 63 48.54 -3.49 33.85
CA LEU B 63 47.34 -4.27 34.08
C LEU B 63 46.16 -3.34 34.30
N VAL B 64 45.01 -3.72 33.75
CA VAL B 64 43.76 -2.97 33.89
C VAL B 64 42.75 -3.87 34.59
N TYR B 65 42.34 -3.48 35.79
CA TYR B 65 41.44 -4.28 36.61
C TYR B 65 40.06 -3.66 36.63
N GLY B 66 39.04 -4.48 36.36
CA GLY B 66 37.66 -4.05 36.48
C GLY B 66 36.90 -5.00 37.39
N ALA B 67 35.94 -4.43 38.12
CA ALA B 67 35.19 -5.20 39.09
C ALA B 67 33.83 -4.56 39.32
N THR B 68 32.79 -5.38 39.27
CA THR B 68 31.46 -4.92 39.67
C THR B 68 31.43 -4.71 41.19
N PRO B 69 30.47 -3.94 41.67
CA PRO B 69 30.32 -3.79 43.13
C PRO B 69 29.84 -5.08 43.75
N PRO B 70 30.35 -5.42 44.95
CA PRO B 70 29.89 -6.64 45.61
C PRO B 70 28.40 -6.61 45.85
N LEU B 71 27.85 -7.80 46.10
CA LEU B 71 26.40 -7.96 46.27
C LEU B 71 25.88 -7.01 47.34
N GLY B 72 24.80 -6.31 47.02
CA GLY B 72 24.18 -5.40 47.96
C GLY B 72 23.35 -4.36 47.23
N HIS B 73 22.89 -3.37 47.99
CA HIS B 73 22.14 -2.25 47.46
C HIS B 73 23.05 -1.11 46.99
N THR B 74 24.36 -1.22 47.21
CA THR B 74 25.31 -0.22 46.70
C THR B 74 25.31 -0.15 45.18
N CYS B 75 24.45 -0.89 44.48
CA CYS B 75 24.42 -0.86 43.02
C CYS B 75 23.75 0.44 42.59
N ASP B 76 24.53 1.51 42.63
CA ASP B 76 24.00 2.83 42.30
C ASP B 76 23.56 2.90 40.84
N ARG B 77 24.34 2.32 39.94
CA ARG B 77 24.13 2.42 38.51
C ARG B 77 23.69 1.09 37.92
N PRO B 78 23.20 1.10 36.68
CA PRO B 78 22.86 -0.16 36.04
C PRO B 78 24.05 -1.07 35.96
N PRO B 79 23.85 -2.38 36.05
CA PRO B 79 25.00 -3.31 36.04
C PRO B 79 25.85 -3.18 34.79
N SER B 80 25.24 -3.14 33.61
CA SER B 80 26.01 -3.08 32.36
C SER B 80 26.91 -1.86 32.29
N TRP B 81 26.58 -0.78 33.01
CA TRP B 81 27.40 0.43 32.95
C TRP B 81 28.85 0.14 33.31
N TYR B 82 29.08 -0.72 34.30
CA TYR B 82 30.45 -1.00 34.73
C TYR B 82 31.25 -1.69 33.62
N LEU B 83 30.59 -2.54 32.83
CA LEU B 83 31.30 -3.27 31.78
C LEU B 83 31.60 -2.36 30.59
N PHE B 84 30.58 -1.70 30.06
CA PHE B 84 30.79 -0.78 28.94
C PHE B 84 31.86 0.24 29.26
N GLN B 85 31.83 0.80 30.48
CA GLN B 85 32.84 1.76 30.88
C GLN B 85 34.21 1.10 30.99
N PHE B 86 34.27 -0.10 31.56
CA PHE B 86 35.53 -0.82 31.63
C PHE B 86 36.10 -1.07 30.24
N HIS B 87 35.28 -1.62 29.34
CA HIS B 87 35.72 -1.84 27.97
C HIS B 87 36.16 -0.54 27.31
N ARG B 88 35.48 0.57 27.62
CA ARG B 88 35.81 1.85 27.01
C ARG B 88 37.21 2.31 27.44
N LEU B 89 37.49 2.27 28.74
CA LEU B 89 38.81 2.68 29.21
C LEU B 89 39.88 1.66 28.86
N LEU B 90 39.52 0.38 28.80
CA LEU B 90 40.50 -0.65 28.45
C LEU B 90 41.15 -0.37 27.11
N GLN B 91 40.35 0.04 26.11
CA GLN B 91 40.91 0.38 24.81
C GLN B 91 41.84 1.58 24.89
N TYR B 92 41.56 2.52 25.80
CA TYR B 92 42.45 3.66 25.97
C TYR B 92 43.81 3.24 26.52
N ALA B 93 43.84 2.18 27.33
CA ALA B 93 45.05 1.76 28.02
C ALA B 93 45.94 0.85 27.20
N ARG B 94 45.43 0.23 26.14
CA ARG B 94 46.25 -0.62 25.30
C ARG B 94 47.39 0.21 24.70
N PRO B 95 48.63 -0.24 24.78
CA PRO B 95 49.74 0.49 24.18
C PRO B 95 49.73 0.34 22.66
N LYS B 96 50.74 0.92 22.02
CA LYS B 96 50.89 0.82 20.57
C LYS B 96 50.83 -0.64 20.14
N PRO B 97 50.46 -0.91 18.89
CA PRO B 97 50.39 -2.32 18.44
C PRO B 97 51.65 -3.11 18.74
N GLY B 98 52.83 -2.55 18.46
CA GLY B 98 54.05 -3.21 18.86
C GLY B 98 54.13 -3.31 20.37
N SER B 99 53.94 -4.51 20.89
CA SER B 99 53.84 -4.72 22.34
C SER B 99 55.23 -4.75 22.96
N PRO B 100 55.64 -3.71 23.68
CA PRO B 100 56.97 -3.75 24.32
C PRO B 100 57.03 -4.70 25.49
N ARG B 101 55.93 -4.87 26.23
CA ARG B 101 55.89 -5.70 27.43
C ARG B 101 54.55 -6.41 27.53
N PRO B 102 54.37 -7.27 28.53
CA PRO B 102 53.09 -7.97 28.68
C PRO B 102 52.01 -7.01 29.20
N PHE B 103 50.87 -7.00 28.51
CA PHE B 103 49.71 -6.22 28.91
C PHE B 103 48.61 -7.16 29.34
N PHE B 104 48.10 -6.97 30.56
CA PHE B 104 47.08 -7.83 31.13
C PHE B 104 45.86 -7.02 31.54
N TRP B 105 44.69 -7.64 31.40
CA TRP B 105 43.43 -7.05 31.83
C TRP B 105 42.58 -8.15 32.46
N MET B 106 41.73 -7.74 33.40
CA MET B 106 40.79 -8.66 34.02
C MET B 106 39.59 -7.88 34.53
N PHE B 107 38.40 -8.46 34.38
CA PHE B 107 37.16 -7.86 34.82
C PHE B 107 36.39 -8.88 35.64
N VAL B 108 36.07 -8.53 36.88
CA VAL B 108 35.46 -9.45 37.84
C VAL B 108 34.04 -9.00 38.13
N ASP B 109 33.12 -9.97 38.19
CA ASP B 109 31.73 -9.71 38.56
C ASP B 109 31.41 -10.54 39.80
N ASN B 110 30.89 -9.88 40.83
CA ASN B 110 30.52 -10.55 42.07
C ASN B 110 29.10 -11.11 42.00
N LEU B 111 28.82 -11.87 40.94
CA LEU B 111 27.50 -12.48 40.74
C LEU B 111 26.41 -11.41 40.71
N VAL B 112 26.62 -10.38 39.90
CA VAL B 112 25.68 -9.28 39.78
C VAL B 112 25.05 -9.25 38.38
N LEU B 113 25.83 -9.52 37.34
CA LEU B 113 25.30 -9.49 35.98
C LEU B 113 24.38 -10.68 35.75
N ASN B 114 23.27 -10.43 35.05
CA ASN B 114 22.39 -11.50 34.63
C ASN B 114 22.94 -12.16 33.37
N LYS B 115 22.26 -13.20 32.90
CA LYS B 115 22.73 -13.89 31.70
C LYS B 115 22.67 -12.97 30.48
N GLU B 116 21.57 -12.24 30.33
CA GLU B 116 21.50 -11.24 29.26
C GLU B 116 22.68 -10.28 29.34
N ASP B 117 23.06 -9.88 30.55
CA ASP B 117 24.25 -9.05 30.71
C ASP B 117 25.54 -9.85 30.49
N LEU B 118 25.52 -11.14 30.82
CA LEU B 118 26.74 -11.94 30.75
C LEU B 118 27.16 -12.18 29.30
N ASP B 119 26.20 -12.41 28.41
CA ASP B 119 26.55 -12.67 27.02
C ASP B 119 27.12 -11.43 26.34
N VAL B 120 26.58 -10.26 26.66
CA VAL B 120 27.19 -9.01 26.19
C VAL B 120 28.60 -8.87 26.74
N ALA B 121 28.79 -9.24 28.01
CA ALA B 121 30.11 -9.19 28.62
C ALA B 121 31.10 -10.06 27.84
N SER B 122 30.73 -11.32 27.60
CA SER B 122 31.63 -12.23 26.89
C SER B 122 31.85 -11.78 25.45
N ARG B 123 30.80 -11.26 24.80
CA ARG B 123 30.95 -10.78 23.43
C ARG B 123 31.94 -9.63 23.35
N PHE B 124 31.87 -8.71 24.31
CA PHE B 124 32.75 -7.54 24.30
C PHE B 124 34.15 -7.87 24.80
N LEU B 125 34.27 -8.83 25.72
CA LEU B 125 35.57 -9.24 26.23
C LEU B 125 36.18 -10.39 25.43
N GLU B 126 35.48 -10.88 24.41
CA GLU B 126 36.03 -11.88 23.49
C GLU B 126 36.48 -13.13 24.26
N MET B 127 35.68 -13.55 25.22
CA MET B 127 36.07 -14.66 26.09
C MET B 127 34.89 -15.06 26.96
N GLU B 128 34.74 -16.37 27.19
CA GLU B 128 33.73 -16.82 28.14
C GLU B 128 34.26 -16.71 29.57
N PRO B 129 33.41 -16.31 30.52
CA PRO B 129 33.91 -16.07 31.88
C PRO B 129 34.24 -17.38 32.59
N VAL B 130 35.15 -17.26 33.56
CA VAL B 130 35.52 -18.36 34.44
C VAL B 130 34.97 -18.07 35.83
N THR B 131 34.37 -19.08 36.45
CA THR B 131 33.77 -18.95 37.76
C THR B 131 34.74 -19.46 38.82
N ILE B 132 34.86 -18.69 39.90
CA ILE B 132 35.71 -19.05 41.03
C ILE B 132 34.84 -19.67 42.11
N PRO B 133 34.97 -20.96 42.42
CA PRO B 133 34.12 -21.55 43.46
C PRO B 133 34.39 -20.96 44.84
N ASP B 134 35.66 -20.83 45.22
CA ASP B 134 36.04 -20.29 46.52
C ASP B 134 35.16 -20.86 47.62
N VAL B 135 34.92 -22.17 47.57
CA VAL B 135 34.00 -22.84 48.46
C VAL B 135 34.69 -24.08 49.02
N HIS B 136 35.00 -24.06 50.31
CA HIS B 136 35.51 -25.25 50.97
C HIS B 136 34.39 -26.29 51.09
N GLY B 137 34.80 -27.50 51.47
CA GLY B 137 33.81 -28.54 51.71
C GLY B 137 32.76 -28.12 52.72
N GLY B 138 33.20 -27.42 53.77
CA GLY B 138 32.31 -26.91 54.79
C GLY B 138 31.96 -25.44 54.67
N SER B 139 32.23 -24.82 53.52
CA SER B 139 31.91 -23.42 53.32
C SER B 139 31.93 -23.10 51.84
N LEU B 140 30.90 -22.42 51.35
CA LEU B 140 30.77 -22.06 49.94
C LEU B 140 30.53 -20.56 49.79
N GLN B 141 31.12 -19.75 50.67
CA GLN B 141 30.75 -18.34 50.79
C GLN B 141 30.98 -17.58 49.49
N ASN B 142 32.23 -17.45 49.07
CA ASN B 142 32.60 -16.54 48.00
C ASN B 142 32.46 -17.19 46.63
N ALA B 143 32.09 -16.37 45.65
CA ALA B 143 31.95 -16.83 44.27
C ALA B 143 31.88 -15.62 43.36
N VAL B 144 32.71 -15.61 42.31
CA VAL B 144 32.78 -14.49 41.37
C VAL B 144 33.06 -15.03 39.97
N ARG B 145 32.77 -14.18 38.98
CA ARG B 145 33.07 -14.46 37.59
C ARG B 145 34.22 -13.57 37.14
N VAL B 146 35.11 -14.13 36.31
CA VAL B 146 36.33 -13.43 35.90
C VAL B 146 36.52 -13.59 34.40
N TRP B 147 36.51 -12.46 33.69
CA TRP B 147 37.02 -12.38 32.32
C TRP B 147 38.42 -11.80 32.40
N SER B 148 39.40 -12.51 31.85
CA SER B 148 40.77 -12.04 31.94
C SER B 148 41.63 -12.76 30.91
N ASN B 149 42.60 -12.02 30.37
CA ASN B 149 43.57 -12.58 29.43
C ASN B 149 44.81 -13.12 30.13
N ILE B 150 44.83 -13.10 31.47
CA ILE B 150 45.92 -13.72 32.23
C ILE B 150 45.94 -15.21 31.87
N PRO B 151 47.03 -15.71 31.28
CA PRO B 151 47.03 -17.12 30.84
C PRO B 151 46.62 -18.10 31.92
N ALA B 152 47.18 -17.97 33.13
CA ALA B 152 46.90 -18.94 34.17
C ALA B 152 45.42 -18.96 34.55
N ILE B 153 44.73 -17.82 34.45
CA ILE B 153 43.34 -17.75 34.88
C ILE B 153 42.44 -18.58 33.98
N ARG B 154 42.84 -18.78 32.72
CA ARG B 154 42.06 -19.59 31.78
C ARG B 154 42.67 -20.95 31.52
N SER B 155 43.90 -21.21 31.98
CA SER B 155 44.60 -22.43 31.60
C SER B 155 44.15 -23.63 32.43
N ARG B 156 44.33 -23.57 33.75
CA ARG B 156 44.12 -24.72 34.61
C ARG B 156 42.63 -24.88 34.93
N HIS B 157 42.33 -25.92 35.73
CA HIS B 157 40.96 -26.26 36.06
C HIS B 157 40.61 -25.73 37.45
N TRP B 158 39.64 -24.81 37.50
CA TRP B 158 39.03 -24.43 38.77
C TRP B 158 37.95 -25.44 39.12
N ALA B 159 37.34 -25.27 40.30
CA ALA B 159 36.31 -26.19 40.77
C ALA B 159 35.02 -25.91 40.03
N LEU B 160 34.58 -26.84 39.19
CA LEU B 160 33.31 -26.70 38.49
C LEU B 160 32.17 -26.50 39.50
N VAL B 161 31.14 -25.79 39.05
CA VAL B 161 30.00 -25.45 39.91
C VAL B 161 28.71 -25.65 39.15
N SER B 162 27.62 -25.77 39.91
CA SER B 162 26.28 -25.89 39.34
C SER B 162 25.68 -24.49 39.19
N GLU B 163 25.42 -24.08 37.95
CA GLU B 163 24.93 -22.74 37.70
C GLU B 163 23.67 -22.44 38.52
N GLU B 164 22.74 -23.40 38.57
CA GLU B 164 21.56 -23.22 39.41
C GLU B 164 21.95 -23.04 40.87
N GLU B 165 23.02 -23.72 41.30
CA GLU B 165 23.47 -23.59 42.69
C GLU B 165 24.02 -22.19 42.94
N LEU B 166 24.86 -21.69 42.03
CA LEU B 166 25.44 -20.37 42.20
C LEU B 166 24.36 -19.29 42.18
N SER B 167 23.38 -19.42 41.28
CA SER B 167 22.24 -18.53 41.31
C SER B 167 21.50 -18.64 42.63
N LEU B 168 21.43 -19.84 43.20
CA LEU B 168 20.82 -20.02 44.52
C LEU B 168 21.66 -19.39 45.62
N LEU B 169 22.98 -19.36 45.44
CA LEU B 169 23.83 -18.70 46.44
C LEU B 169 23.64 -17.19 46.41
N ALA B 170 23.43 -16.62 45.22
CA ALA B 170 23.17 -15.19 45.13
C ALA B 170 21.85 -14.83 45.79
N GLN B 171 20.80 -15.62 45.54
CA GLN B 171 19.52 -15.35 46.18
C GLN B 171 19.60 -15.51 47.69
N ASN B 172 20.39 -16.47 48.16
CA ASN B 172 20.54 -16.65 49.61
C ASN B 172 21.31 -15.48 50.22
N LYS B 173 22.33 -14.99 49.53
CA LYS B 173 23.02 -13.78 49.99
C LYS B 173 22.04 -12.62 50.12
N GLN B 174 21.20 -12.42 49.10
CA GLN B 174 20.12 -11.44 49.12
C GLN B 174 20.47 -10.18 49.88
N PRO B 183 38.06 -13.07 50.73
CA PRO B 183 38.11 -12.48 49.39
C PRO B 183 39.36 -12.94 48.62
N THR B 184 40.38 -13.37 49.37
CA THR B 184 41.66 -13.71 48.76
C THR B 184 41.53 -14.95 47.87
N LYS B 185 41.01 -16.04 48.42
CA LYS B 185 40.89 -17.27 47.64
C LYS B 185 40.05 -17.07 46.40
N LEU B 186 39.03 -16.21 46.48
CA LEU B 186 38.14 -16.01 45.34
C LEU B 186 38.87 -15.35 44.16
N VAL B 187 39.57 -14.24 44.43
CA VAL B 187 40.23 -13.47 43.40
C VAL B 187 41.75 -13.44 43.60
N LYS B 188 42.21 -13.26 44.84
CA LYS B 188 43.65 -13.23 45.08
C LYS B 188 44.33 -14.52 44.66
N ASN B 189 43.63 -15.66 44.78
CA ASN B 189 44.18 -16.91 44.27
C ASN B 189 44.34 -16.85 42.75
N CYS B 190 43.48 -16.09 42.07
CA CYS B 190 43.63 -15.85 40.65
C CYS B 190 44.58 -14.71 40.34
N PHE B 191 45.11 -14.04 41.36
CA PHE B 191 46.09 -12.97 41.17
C PHE B 191 47.52 -13.49 41.20
N LEU B 192 47.78 -14.55 41.95
CA LEU B 192 49.15 -15.08 42.07
C LEU B 192 49.85 -15.30 40.73
N PRO B 193 49.21 -15.85 39.70
CA PRO B 193 49.95 -16.11 38.44
C PRO B 193 50.60 -14.87 37.84
N LEU B 194 50.17 -13.68 38.22
CA LEU B 194 50.80 -12.48 37.68
C LEU B 194 52.21 -12.26 38.22
N ARG B 195 52.56 -12.88 39.35
CA ARG B 195 53.90 -12.71 39.90
C ARG B 195 54.96 -13.11 38.90
N GLU B 196 54.71 -14.17 38.12
CA GLU B 196 55.69 -14.64 37.15
C GLU B 196 56.16 -13.53 36.22
N TYR B 197 55.29 -12.57 35.91
CA TYR B 197 55.57 -11.58 34.88
C TYR B 197 56.11 -10.26 35.40
N PHE B 198 55.98 -9.99 36.71
CA PHE B 198 56.40 -8.71 37.27
C PHE B 198 57.25 -8.96 38.51
N LYS B 199 57.65 -7.86 39.15
CA LYS B 199 58.52 -7.94 40.31
C LYS B 199 57.75 -8.37 41.55
N TYR B 200 58.42 -9.11 42.42
CA TYR B 200 57.86 -9.62 43.66
C TYR B 200 58.53 -8.91 44.84
N PHE B 201 57.74 -8.14 45.60
CA PHE B 201 58.21 -7.44 46.77
C PHE B 201 57.73 -8.16 48.02
N SER B 202 58.63 -8.38 48.97
CA SER B 202 58.28 -9.03 50.23
C SER B 202 59.37 -8.82 51.28
N PHE C 2 -48.00 16.92 -31.51
CA PHE C 2 -48.97 16.17 -32.30
C PHE C 2 -50.25 16.97 -32.52
N GLU C 3 -50.41 17.50 -33.73
CA GLU C 3 -51.59 18.28 -34.05
C GLU C 3 -52.78 17.36 -34.28
N THR C 4 -53.97 17.96 -34.34
CA THR C 4 -55.19 17.20 -34.56
C THR C 4 -55.30 16.79 -36.03
N VAL C 5 -56.10 15.76 -36.27
CA VAL C 5 -56.26 15.16 -37.60
C VAL C 5 -57.69 15.40 -38.06
N PRO C 6 -57.90 15.87 -39.29
CA PRO C 6 -59.26 15.97 -39.82
C PRO C 6 -59.96 14.61 -39.78
N VAL C 7 -61.26 14.64 -39.48
CA VAL C 7 -62.00 13.40 -39.28
C VAL C 7 -61.95 12.50 -40.51
N TRP C 8 -61.80 13.09 -41.70
CA TRP C 8 -61.85 12.35 -42.94
C TRP C 8 -60.52 11.75 -43.35
N ARG C 9 -59.41 12.14 -42.71
CA ARG C 9 -58.11 11.56 -42.99
C ARG C 9 -57.60 10.68 -41.84
N ARG C 10 -58.39 10.49 -40.79
CA ARG C 10 -58.01 9.63 -39.68
C ARG C 10 -58.10 8.17 -40.13
N GLN C 11 -56.95 7.57 -40.41
CA GLN C 11 -56.93 6.17 -40.81
C GLN C 11 -57.06 5.26 -39.59
N PRO C 12 -57.44 4.00 -39.81
CA PRO C 12 -57.58 3.08 -38.68
C PRO C 12 -56.25 2.88 -37.96
N VAL C 13 -56.33 2.71 -36.64
CA VAL C 13 -55.14 2.63 -35.81
C VAL C 13 -54.48 1.27 -35.99
N ARG C 14 -53.14 1.27 -35.90
CA ARG C 14 -52.34 0.05 -35.90
C ARG C 14 -51.62 -0.01 -34.56
N VAL C 15 -51.97 -0.99 -33.73
CA VAL C 15 -51.48 -1.05 -32.36
C VAL C 15 -50.69 -2.33 -32.15
N LEU C 16 -49.76 -2.26 -31.20
CA LEU C 16 -48.96 -3.40 -30.77
C LEU C 16 -49.17 -3.59 -29.27
N SER C 17 -49.75 -4.72 -28.88
CA SER C 17 -50.11 -5.01 -27.50
C SER C 17 -49.16 -6.05 -26.93
N LEU C 18 -48.57 -5.72 -25.78
CA LEU C 18 -47.56 -6.57 -25.16
C LEU C 18 -48.00 -7.00 -23.77
N PHE C 19 -47.86 -8.31 -23.50
CA PHE C 19 -48.09 -8.97 -22.22
C PHE C 19 -49.57 -9.09 -21.87
N GLU C 20 -50.43 -8.39 -22.61
CA GLU C 20 -51.85 -8.34 -22.31
C GLU C 20 -52.59 -8.08 -23.61
N ASP C 21 -53.69 -8.81 -23.81
CA ASP C 21 -54.49 -8.62 -25.00
C ASP C 21 -55.55 -7.57 -24.72
N ILE C 22 -55.50 -6.48 -25.49
CA ILE C 22 -56.41 -5.35 -25.32
C ILE C 22 -57.43 -5.30 -26.44
N LYS C 23 -57.52 -6.35 -27.26
CA LYS C 23 -58.46 -6.36 -28.37
C LYS C 23 -59.88 -6.06 -27.91
N LYS C 24 -60.29 -6.66 -26.78
CA LYS C 24 -61.64 -6.45 -26.28
C LYS C 24 -61.84 -4.99 -25.86
N GLU C 25 -60.92 -4.45 -25.06
CA GLU C 25 -61.07 -3.07 -24.59
C GLU C 25 -61.04 -2.09 -25.76
N LEU C 26 -60.15 -2.31 -26.74
CA LEU C 26 -60.00 -1.37 -27.84
C LEU C 26 -61.19 -1.44 -28.78
N THR C 27 -61.61 -2.64 -29.16
CA THR C 27 -62.76 -2.78 -30.06
C THR C 27 -64.03 -2.23 -29.43
N SER C 28 -64.17 -2.34 -28.11
CA SER C 28 -65.36 -1.81 -27.45
C SER C 28 -65.51 -0.31 -27.67
N LEU C 29 -64.39 0.39 -27.85
CA LEU C 29 -64.40 1.83 -28.09
C LEU C 29 -64.29 2.18 -29.56
N GLY C 30 -64.43 1.19 -30.45
CA GLY C 30 -64.45 1.46 -31.87
C GLY C 30 -63.11 1.80 -32.49
N PHE C 31 -62.18 0.85 -32.50
CA PHE C 31 -60.89 1.05 -33.14
C PHE C 31 -60.54 0.00 -34.19
N LEU C 32 -61.30 -1.08 -34.30
CA LEU C 32 -61.06 -2.14 -35.28
C LEU C 32 -62.29 -2.30 -36.16
N GLU C 33 -62.09 -2.34 -37.47
CA GLU C 33 -63.22 -2.25 -38.39
C GLU C 33 -63.93 -3.58 -38.59
N SER C 34 -63.17 -4.68 -38.63
CA SER C 34 -63.71 -5.97 -39.02
C SER C 34 -63.49 -6.99 -37.90
N GLY C 35 -64.32 -8.03 -37.92
CA GLY C 35 -64.11 -9.13 -37.00
C GLY C 35 -62.72 -9.73 -37.11
N SER C 36 -62.19 -9.81 -38.32
CA SER C 36 -60.80 -10.19 -38.57
C SER C 36 -60.01 -8.95 -38.95
N ASP C 37 -59.06 -8.57 -38.10
CA ASP C 37 -58.23 -7.38 -38.30
C ASP C 37 -56.78 -7.71 -38.00
N PRO C 38 -56.14 -8.45 -38.91
CA PRO C 38 -54.70 -8.73 -38.70
C PRO C 38 -53.85 -7.48 -38.57
N GLY C 39 -54.12 -6.43 -39.36
CA GLY C 39 -53.34 -5.22 -39.26
C GLY C 39 -53.64 -4.40 -38.02
N GLN C 40 -54.86 -4.52 -37.47
CA GLN C 40 -55.27 -3.60 -36.41
C GLN C 40 -54.47 -3.84 -35.14
N LEU C 41 -54.24 -5.09 -34.76
CA LEU C 41 -53.59 -5.37 -33.48
C LEU C 41 -52.71 -6.60 -33.61
N LYS C 42 -51.48 -6.49 -33.11
CA LYS C 42 -50.55 -7.61 -33.01
C LYS C 42 -50.24 -7.85 -31.53
N HIS C 43 -50.35 -9.09 -31.10
CA HIS C 43 -50.20 -9.45 -29.70
C HIS C 43 -49.04 -10.42 -29.52
N VAL C 44 -48.21 -10.15 -28.53
CA VAL C 44 -47.11 -11.02 -28.14
C VAL C 44 -47.08 -11.11 -26.62
N VAL C 45 -46.96 -12.33 -26.10
CA VAL C 45 -46.95 -12.57 -24.66
C VAL C 45 -45.53 -12.72 -24.14
N ASP C 46 -44.67 -13.42 -24.88
CA ASP C 46 -43.28 -13.63 -24.49
C ASP C 46 -42.38 -13.04 -25.58
N VAL C 47 -41.54 -12.09 -25.19
CA VAL C 47 -40.73 -11.31 -26.14
C VAL C 47 -39.25 -11.63 -26.03
N THR C 48 -38.86 -12.58 -25.17
CA THR C 48 -37.44 -12.83 -24.94
C THR C 48 -36.66 -13.06 -26.23
N ASP C 49 -37.32 -13.45 -27.32
CA ASP C 49 -36.65 -13.75 -28.58
C ASP C 49 -37.13 -12.85 -29.72
N THR C 50 -37.81 -11.76 -29.42
CA THR C 50 -38.30 -10.84 -30.45
C THR C 50 -37.21 -9.83 -30.78
N VAL C 51 -36.91 -9.69 -32.06
CA VAL C 51 -35.86 -8.80 -32.53
C VAL C 51 -36.49 -7.60 -33.24
N ARG C 52 -35.66 -6.57 -33.48
CA ARG C 52 -36.16 -5.38 -34.16
C ARG C 52 -36.73 -5.69 -35.53
N LYS C 53 -36.08 -6.60 -36.26
CA LYS C 53 -36.58 -6.95 -37.59
C LYS C 53 -38.00 -7.49 -37.52
N ASP C 54 -38.39 -8.09 -36.40
CA ASP C 54 -39.77 -8.55 -36.24
C ASP C 54 -40.72 -7.36 -36.21
N VAL C 55 -40.52 -6.44 -35.27
CA VAL C 55 -41.41 -5.29 -35.14
C VAL C 55 -41.42 -4.48 -36.43
N GLU C 56 -40.23 -4.25 -37.01
CA GLU C 56 -40.16 -3.50 -38.27
C GLU C 56 -41.03 -4.15 -39.34
N GLU C 57 -40.96 -5.47 -39.47
CA GLU C 57 -41.72 -6.17 -40.50
C GLU C 57 -43.17 -6.41 -40.11
N TRP C 58 -43.51 -6.29 -38.83
CA TRP C 58 -44.91 -6.49 -38.43
C TRP C 58 -45.80 -5.35 -38.85
N GLY C 59 -45.26 -4.47 -39.70
CA GLY C 59 -45.98 -3.31 -40.17
C GLY C 59 -45.84 -2.17 -39.20
N PRO C 60 -45.71 -0.95 -39.72
CA PRO C 60 -45.63 0.22 -38.85
C PRO C 60 -46.79 0.22 -37.86
N PHE C 61 -46.52 0.74 -36.67
CA PHE C 61 -47.49 0.77 -35.58
C PHE C 61 -47.82 2.21 -35.21
N ASP C 62 -49.09 2.46 -34.91
CA ASP C 62 -49.52 3.76 -34.43
C ASP C 62 -49.53 3.85 -32.91
N LEU C 63 -49.70 2.72 -32.23
CA LEU C 63 -49.75 2.69 -30.77
C LEU C 63 -49.01 1.46 -30.27
N VAL C 64 -48.31 1.61 -29.15
CA VAL C 64 -47.59 0.52 -28.51
C VAL C 64 -48.05 0.47 -27.06
N TYR C 65 -48.76 -0.59 -26.70
CA TYR C 65 -49.35 -0.72 -25.37
C TYR C 65 -48.53 -1.69 -24.53
N GLY C 66 -48.13 -1.25 -23.35
CA GLY C 66 -47.44 -2.10 -22.39
C GLY C 66 -48.25 -2.20 -21.11
N ALA C 67 -48.36 -3.42 -20.59
CA ALA C 67 -49.16 -3.66 -19.40
C ALA C 67 -48.51 -4.75 -18.55
N THR C 68 -48.58 -4.57 -17.24
CA THR C 68 -48.08 -5.57 -16.31
C THR C 68 -49.18 -6.57 -15.96
N PRO C 69 -48.81 -7.75 -15.48
CA PRO C 69 -49.82 -8.75 -15.10
C PRO C 69 -50.73 -8.22 -14.00
N PRO C 70 -52.03 -8.46 -14.11
CA PRO C 70 -52.94 -8.02 -13.04
C PRO C 70 -52.55 -8.60 -11.71
N LEU C 71 -52.81 -7.84 -10.64
CA LEU C 71 -52.24 -8.16 -9.33
C LEU C 71 -52.60 -9.56 -8.87
N GLY C 72 -51.61 -10.44 -8.78
CA GLY C 72 -51.84 -11.81 -8.39
C GLY C 72 -50.56 -12.60 -8.52
N HIS C 73 -50.51 -13.72 -7.81
CA HIS C 73 -49.29 -14.53 -7.88
C HIS C 73 -49.29 -15.32 -9.17
N THR C 74 -49.36 -14.61 -10.31
CA THR C 74 -49.62 -15.23 -11.60
C THR C 74 -48.46 -15.10 -12.57
N CYS C 75 -47.36 -14.48 -12.17
CA CYS C 75 -46.24 -14.22 -13.07
C CYS C 75 -44.94 -14.69 -12.42
N ASP C 76 -44.21 -15.54 -13.15
CA ASP C 76 -42.90 -15.98 -12.68
C ASP C 76 -41.83 -14.92 -12.92
N ARG C 77 -42.03 -14.05 -13.89
CA ARG C 77 -41.04 -13.07 -14.30
C ARG C 77 -40.95 -11.92 -13.30
N PRO C 78 -39.75 -11.37 -13.10
CA PRO C 78 -39.60 -10.19 -12.24
C PRO C 78 -40.33 -9.00 -12.83
N PRO C 79 -40.94 -8.17 -11.99
CA PRO C 79 -41.73 -7.05 -12.52
C PRO C 79 -40.94 -6.14 -13.46
N SER C 80 -39.65 -5.92 -13.16
CA SER C 80 -38.86 -5.04 -14.02
C SER C 80 -38.70 -5.60 -15.42
N TRP C 81 -38.81 -6.92 -15.58
CA TRP C 81 -38.64 -7.53 -16.90
C TRP C 81 -39.64 -6.95 -17.90
N TYR C 82 -40.88 -6.73 -17.48
CA TYR C 82 -41.89 -6.25 -18.41
C TYR C 82 -41.58 -4.84 -18.91
N LEU C 83 -41.05 -3.99 -18.04
CA LEU C 83 -40.73 -2.62 -18.46
C LEU C 83 -39.49 -2.59 -19.36
N PHE C 84 -38.41 -3.25 -18.93
CA PHE C 84 -37.21 -3.29 -19.75
C PHE C 84 -37.51 -3.84 -21.15
N GLN C 85 -38.28 -4.92 -21.22
CA GLN C 85 -38.66 -5.47 -22.53
C GLN C 85 -39.56 -4.50 -23.28
N PHE C 86 -40.53 -3.89 -22.59
CA PHE C 86 -41.39 -2.91 -23.25
C PHE C 86 -40.56 -1.77 -23.84
N HIS C 87 -39.64 -1.23 -23.05
CA HIS C 87 -38.77 -0.17 -23.56
C HIS C 87 -37.91 -0.66 -24.72
N ARG C 88 -37.52 -1.93 -24.69
CA ARG C 88 -36.66 -2.47 -25.76
C ARG C 88 -37.37 -2.47 -27.09
N LEU C 89 -38.57 -3.08 -27.14
CA LEU C 89 -39.33 -3.10 -28.40
C LEU C 89 -39.83 -1.72 -28.78
N LEU C 90 -40.20 -0.90 -27.80
CA LEU C 90 -40.72 0.44 -28.09
C LEU C 90 -39.77 1.21 -29.00
N GLN C 91 -38.47 1.16 -28.70
CA GLN C 91 -37.49 1.79 -29.57
C GLN C 91 -37.48 1.16 -30.95
N TYR C 92 -37.86 -0.11 -31.06
CA TYR C 92 -37.95 -0.75 -32.37
C TYR C 92 -39.12 -0.22 -33.18
N ALA C 93 -40.20 0.18 -32.51
CA ALA C 93 -41.45 0.53 -33.20
C ALA C 93 -41.52 1.98 -33.62
N ARG C 94 -40.80 2.88 -32.96
CA ARG C 94 -40.83 4.29 -33.35
C ARG C 94 -40.38 4.43 -34.80
N PRO C 95 -41.15 5.12 -35.64
CA PRO C 95 -40.74 5.27 -37.05
C PRO C 95 -39.53 6.17 -37.19
N LYS C 96 -39.12 6.44 -38.43
CA LYS C 96 -37.96 7.26 -38.71
C LYS C 96 -38.09 8.61 -38.01
N PRO C 97 -37.00 9.37 -37.85
CA PRO C 97 -37.11 10.67 -37.17
C PRO C 97 -38.17 11.58 -37.79
N GLY C 98 -38.26 11.61 -39.11
CA GLY C 98 -39.35 12.33 -39.75
C GLY C 98 -40.69 11.78 -39.31
N SER C 99 -41.62 12.65 -38.95
CA SER C 99 -42.88 12.21 -38.38
C SER C 99 -43.97 12.14 -39.44
N PRO C 100 -44.21 10.98 -40.06
CA PRO C 100 -45.29 10.90 -41.05
C PRO C 100 -46.67 11.00 -40.41
N ARG C 101 -46.86 10.37 -39.25
CA ARG C 101 -48.14 10.41 -38.56
C ARG C 101 -47.91 10.45 -37.05
N PRO C 102 -48.97 10.54 -36.25
CA PRO C 102 -48.79 10.56 -34.79
C PRO C 102 -48.48 9.18 -34.26
N PHE C 103 -47.45 9.09 -33.42
CA PHE C 103 -47.05 7.83 -32.79
C PHE C 103 -47.23 7.95 -31.29
N PHE C 104 -47.97 7.01 -30.71
CA PHE C 104 -48.28 7.02 -29.29
C PHE C 104 -47.85 5.71 -28.64
N TRP C 105 -47.63 5.78 -27.33
CA TRP C 105 -47.24 4.62 -26.54
C TRP C 105 -47.75 4.81 -25.13
N MET C 106 -48.04 3.69 -24.46
CA MET C 106 -48.47 3.75 -23.07
C MET C 106 -48.03 2.47 -22.37
N PHE C 107 -47.79 2.58 -21.07
CA PHE C 107 -47.37 1.45 -20.25
C PHE C 107 -48.09 1.54 -18.92
N VAL C 108 -48.90 0.52 -18.61
CA VAL C 108 -49.73 0.50 -17.41
C VAL C 108 -49.17 -0.53 -16.44
N ASP C 109 -49.21 -0.21 -15.16
CA ASP C 109 -48.81 -1.12 -14.09
C ASP C 109 -50.00 -1.35 -13.18
N ASN C 110 -50.34 -2.61 -12.95
CA ASN C 110 -51.46 -2.95 -12.08
C ASN C 110 -51.01 -3.04 -10.63
N LEU C 111 -50.35 -1.99 -10.14
CA LEU C 111 -49.83 -1.95 -8.78
C LEU C 111 -48.90 -3.15 -8.50
N VAL C 112 -47.97 -3.39 -9.41
CA VAL C 112 -47.06 -4.51 -9.29
C VAL C 112 -45.62 -4.08 -9.08
N LEU C 113 -45.23 -2.90 -9.55
CA LEU C 113 -43.86 -2.43 -9.45
C LEU C 113 -43.63 -1.77 -8.09
N ASN C 114 -42.56 -2.18 -7.41
CA ASN C 114 -42.15 -1.51 -6.19
C ASN C 114 -41.57 -0.14 -6.51
N LYS C 115 -41.26 0.62 -5.46
CA LYS C 115 -40.77 1.98 -5.66
C LYS C 115 -39.47 1.98 -6.46
N GLU C 116 -38.61 0.98 -6.22
CA GLU C 116 -37.40 0.86 -7.01
C GLU C 116 -37.73 0.70 -8.50
N ASP C 117 -38.63 -0.24 -8.80
CA ASP C 117 -39.07 -0.42 -10.18
C ASP C 117 -39.80 0.82 -10.71
N LEU C 118 -40.44 1.58 -9.82
CA LEU C 118 -41.17 2.76 -10.26
C LEU C 118 -40.21 3.85 -10.74
N ASP C 119 -39.16 4.11 -9.98
CA ASP C 119 -38.20 5.15 -10.36
C ASP C 119 -37.45 4.77 -11.62
N VAL C 120 -37.08 3.49 -11.75
CA VAL C 120 -36.47 3.02 -13.00
C VAL C 120 -37.45 3.19 -14.15
N ALA C 121 -38.72 2.92 -13.91
CA ALA C 121 -39.73 3.08 -14.95
C ALA C 121 -39.81 4.52 -15.43
N SER C 122 -39.99 5.46 -14.49
CA SER C 122 -40.12 6.86 -14.87
C SER C 122 -38.85 7.36 -15.54
N ARG C 123 -37.68 6.91 -15.06
CA ARG C 123 -36.42 7.32 -15.66
C ARG C 123 -36.33 6.84 -17.11
N PHE C 124 -36.71 5.59 -17.38
CA PHE C 124 -36.63 5.05 -18.72
C PHE C 124 -37.73 5.58 -19.63
N LEU C 125 -38.91 5.85 -19.09
CA LEU C 125 -40.00 6.40 -19.87
C LEU C 125 -40.03 7.92 -19.86
N GLU C 126 -39.09 8.55 -19.15
CA GLU C 126 -38.88 10.00 -19.22
C GLU C 126 -40.09 10.78 -18.73
N MET C 127 -40.77 10.26 -17.71
CA MET C 127 -41.89 10.99 -17.13
C MET C 127 -42.37 10.25 -15.89
N GLU C 128 -42.89 11.02 -14.93
CA GLU C 128 -43.51 10.45 -13.75
C GLU C 128 -44.91 9.93 -14.09
N PRO C 129 -45.32 8.80 -13.51
CA PRO C 129 -46.59 8.18 -13.91
C PRO C 129 -47.79 8.95 -13.40
N VAL C 130 -48.90 8.75 -14.09
CA VAL C 130 -50.21 9.25 -13.67
C VAL C 130 -51.01 8.09 -13.10
N THR C 131 -51.86 8.39 -12.13
CA THR C 131 -52.63 7.37 -11.42
C THR C 131 -54.07 7.39 -11.91
N ILE C 132 -54.61 6.21 -12.21
CA ILE C 132 -55.97 6.08 -12.70
C ILE C 132 -56.84 5.43 -11.62
N PRO C 133 -57.54 6.22 -10.80
CA PRO C 133 -58.43 5.61 -9.80
C PRO C 133 -59.86 5.43 -10.31
N ASP C 134 -60.48 4.29 -10.00
CA ASP C 134 -61.89 4.04 -10.33
C ASP C 134 -62.63 3.85 -9.01
N VAL C 135 -63.14 4.95 -8.45
CA VAL C 135 -63.80 4.94 -7.15
C VAL C 135 -65.13 5.68 -7.29
N HIS C 136 -66.19 5.10 -6.75
CA HIS C 136 -67.50 5.72 -6.70
C HIS C 136 -67.94 6.03 -5.28
N GLY C 137 -66.98 6.13 -4.35
CA GLY C 137 -67.31 6.31 -2.95
C GLY C 137 -67.48 4.99 -2.24
N GLY C 138 -68.50 4.22 -2.65
CA GLY C 138 -68.70 2.90 -2.12
C GLY C 138 -67.64 1.89 -2.51
N SER C 139 -66.66 2.29 -3.32
CA SER C 139 -65.57 1.42 -3.72
C SER C 139 -64.38 2.27 -4.13
N LEU C 140 -63.19 1.86 -3.73
CA LEU C 140 -61.94 2.52 -4.13
C LEU C 140 -60.88 1.48 -4.48
N GLN C 141 -61.29 0.40 -5.13
CA GLN C 141 -60.47 -0.81 -5.22
C GLN C 141 -59.52 -0.81 -6.43
N ASN C 142 -60.01 -0.46 -7.61
CA ASN C 142 -59.27 -0.66 -8.85
C ASN C 142 -58.51 0.61 -9.22
N ALA C 143 -57.21 0.47 -9.49
CA ALA C 143 -56.37 1.59 -9.88
C ALA C 143 -55.10 1.06 -10.53
N VAL C 144 -54.53 1.88 -11.41
CA VAL C 144 -53.31 1.52 -12.14
C VAL C 144 -52.51 2.78 -12.43
N ARG C 145 -51.21 2.60 -12.64
CA ARG C 145 -50.31 3.69 -13.02
C ARG C 145 -50.05 3.63 -14.52
N VAL C 146 -49.93 4.80 -15.15
CA VAL C 146 -49.84 4.89 -16.60
C VAL C 146 -48.71 5.86 -16.96
N TRP C 147 -47.73 5.37 -17.70
CA TRP C 147 -46.76 6.21 -18.40
C TRP C 147 -47.18 6.25 -19.87
N SER C 148 -47.41 7.44 -20.39
CA SER C 148 -47.84 7.55 -21.78
C SER C 148 -47.60 8.96 -22.29
N ASN C 149 -47.36 9.07 -23.59
CA ASN C 149 -47.21 10.35 -24.26
C ASN C 149 -48.52 10.89 -24.80
N ILE C 150 -49.64 10.21 -24.54
CA ILE C 150 -50.96 10.71 -24.91
C ILE C 150 -51.15 12.06 -24.22
N PRO C 151 -51.33 13.15 -24.97
CA PRO C 151 -51.43 14.46 -24.31
C PRO C 151 -52.58 14.55 -23.32
N ALA C 152 -53.71 13.90 -23.61
CA ALA C 152 -54.86 13.96 -22.73
C ALA C 152 -54.71 13.03 -21.53
N ILE C 153 -53.82 12.05 -21.59
CA ILE C 153 -53.58 11.17 -20.44
C ILE C 153 -52.76 11.86 -19.36
N ARG C 154 -52.03 12.94 -19.70
CA ARG C 154 -51.26 13.68 -18.72
C ARG C 154 -51.63 15.16 -18.74
N SER C 155 -52.85 15.48 -19.15
CA SER C 155 -53.36 16.86 -19.10
C SER C 155 -54.56 17.00 -18.17
N ARG C 156 -55.58 16.17 -18.35
CA ARG C 156 -56.74 16.19 -17.47
C ARG C 156 -56.30 15.94 -16.02
N HIS C 157 -57.15 16.34 -15.08
CA HIS C 157 -56.89 16.06 -13.67
C HIS C 157 -57.58 14.75 -13.27
N TRP C 158 -56.83 13.87 -12.62
CA TRP C 158 -57.38 12.62 -12.11
C TRP C 158 -57.59 12.73 -10.60
N ALA C 159 -58.19 11.69 -10.03
CA ALA C 159 -58.53 11.67 -8.61
C ALA C 159 -57.26 11.40 -7.80
N LEU C 160 -56.46 12.45 -7.63
CA LEU C 160 -55.19 12.35 -6.92
C LEU C 160 -55.40 11.68 -5.56
N VAL C 161 -54.76 10.53 -5.38
CA VAL C 161 -54.89 9.75 -4.15
C VAL C 161 -53.50 9.40 -3.64
N SER C 162 -53.39 9.33 -2.31
CA SER C 162 -52.09 9.17 -1.66
C SER C 162 -51.49 7.79 -1.93
N GLU C 163 -50.19 7.68 -1.67
CA GLU C 163 -49.48 6.42 -1.90
C GLU C 163 -49.87 5.38 -0.86
N GLU C 164 -49.95 5.78 0.41
CA GLU C 164 -50.37 4.85 1.45
C GLU C 164 -51.77 4.31 1.16
N GLU C 165 -52.66 5.18 0.67
CA GLU C 165 -53.98 4.71 0.25
C GLU C 165 -53.86 3.69 -0.87
N LEU C 166 -52.94 3.92 -1.82
CA LEU C 166 -52.71 2.94 -2.88
C LEU C 166 -52.12 1.65 -2.31
N SER C 167 -51.16 1.77 -1.39
CA SER C 167 -50.63 0.58 -0.73
C SER C 167 -51.72 -0.19 -0.01
N LEU C 168 -52.65 0.52 0.64
CA LEU C 168 -53.75 -0.15 1.30
C LEU C 168 -54.65 -0.88 0.30
N LEU C 169 -54.91 -0.25 -0.85
CA LEU C 169 -55.72 -0.90 -1.88
C LEU C 169 -55.03 -2.15 -2.40
N ALA C 170 -53.72 -2.10 -2.57
CA ALA C 170 -52.98 -3.28 -3.02
C ALA C 170 -53.06 -4.40 -1.99
N GLN C 171 -52.87 -4.05 -0.71
CA GLN C 171 -52.98 -5.06 0.34
C GLN C 171 -54.39 -5.64 0.39
N ASN C 172 -55.42 -4.81 0.18
CA ASN C 172 -56.79 -5.31 0.19
C ASN C 172 -57.04 -6.24 -1.00
N LYS C 173 -56.49 -5.91 -2.17
CA LYS C 173 -56.65 -6.80 -3.32
C LYS C 173 -55.98 -8.14 -3.08
N GLN C 174 -54.78 -8.13 -2.50
CA GLN C 174 -54.05 -9.35 -2.18
C GLN C 174 -54.01 -10.33 -3.34
N PRO C 183 -60.93 -2.52 -15.08
CA PRO C 183 -60.34 -1.85 -16.23
C PRO C 183 -61.37 -1.12 -17.10
N THR C 184 -62.51 -1.77 -17.34
CA THR C 184 -63.53 -1.23 -18.25
C THR C 184 -63.75 0.26 -18.06
N LYS C 185 -63.98 0.69 -16.82
CA LYS C 185 -64.25 2.11 -16.57
C LYS C 185 -62.96 2.93 -16.58
N LEU C 186 -61.91 2.44 -15.92
CA LEU C 186 -60.69 3.22 -15.77
C LEU C 186 -59.91 3.26 -17.08
N VAL C 187 -59.58 2.10 -17.64
CA VAL C 187 -58.74 2.06 -18.83
C VAL C 187 -59.46 2.66 -20.03
N LYS C 188 -60.79 2.57 -20.07
CA LYS C 188 -61.54 3.20 -21.16
C LYS C 188 -61.45 4.71 -21.08
N ASN C 189 -61.73 5.28 -19.90
CA ASN C 189 -61.49 6.70 -19.70
C ASN C 189 -60.06 7.07 -20.07
N CYS C 190 -59.11 6.20 -19.75
CA CYS C 190 -57.72 6.41 -20.15
C CYS C 190 -57.57 6.44 -21.67
N PHE C 191 -58.38 5.66 -22.38
CA PHE C 191 -58.19 5.48 -23.82
C PHE C 191 -59.01 6.44 -24.66
N LEU C 192 -60.13 6.96 -24.14
CA LEU C 192 -61.00 7.85 -24.91
C LEU C 192 -60.27 8.89 -25.74
N PRO C 193 -59.29 9.63 -25.21
CA PRO C 193 -58.57 10.62 -26.04
C PRO C 193 -57.90 10.01 -27.27
N LEU C 194 -57.88 8.69 -27.37
CA LEU C 194 -57.21 8.05 -28.51
C LEU C 194 -58.05 8.16 -29.78
N ARG C 195 -59.36 8.02 -29.67
CA ARG C 195 -60.20 8.02 -30.86
C ARG C 195 -60.44 9.41 -31.43
N GLU C 196 -59.82 10.45 -30.87
CA GLU C 196 -59.74 11.74 -31.53
C GLU C 196 -58.66 11.78 -32.61
N TYR C 197 -57.90 10.70 -32.77
CA TYR C 197 -56.78 10.66 -33.70
C TYR C 197 -56.91 9.60 -34.79
N PHE C 198 -57.76 8.60 -34.61
CA PHE C 198 -57.88 7.51 -35.58
C PHE C 198 -59.35 7.28 -35.91
N LYS C 199 -59.59 6.30 -36.78
CA LYS C 199 -60.94 6.07 -37.27
C LYS C 199 -61.84 5.51 -36.17
N TYR C 200 -63.06 6.03 -36.12
CA TYR C 200 -64.08 5.52 -35.21
C TYR C 200 -64.89 4.47 -35.97
N PHE C 201 -64.80 3.22 -35.53
CA PHE C 201 -65.50 2.11 -36.15
C PHE C 201 -66.69 1.72 -35.29
N SER C 202 -67.88 1.75 -35.89
CA SER C 202 -69.11 1.41 -35.17
C SER C 202 -70.21 0.99 -36.15
N LEU D 1 -18.64 -1.69 -41.63
CA LEU D 1 -17.53 -0.95 -41.04
C LEU D 1 -17.67 0.55 -41.30
N TYR D 2 -16.87 1.34 -40.59
CA TYR D 2 -16.91 2.77 -40.85
C TYR D 2 -15.87 3.16 -41.89
N PRO D 3 -16.07 4.26 -42.59
CA PRO D 3 -15.07 4.68 -43.58
C PRO D 3 -13.80 5.15 -42.89
N ALA D 4 -12.66 4.79 -43.47
CA ALA D 4 -11.39 5.32 -42.97
C ALA D 4 -11.46 6.84 -42.94
N ILE D 5 -10.72 7.46 -42.02
CA ILE D 5 -10.77 8.90 -41.86
C ILE D 5 -9.40 9.46 -42.25
N PRO D 6 -9.32 10.39 -43.20
CA PRO D 6 -8.04 11.09 -43.43
C PRO D 6 -7.45 11.57 -42.13
N ALA D 7 -6.12 11.53 -42.03
CA ALA D 7 -5.45 11.85 -40.77
C ALA D 7 -5.82 13.26 -40.30
N ALA D 8 -5.79 14.23 -41.21
CA ALA D 8 -6.02 15.61 -40.82
C ALA D 8 -7.44 15.82 -40.29
N ARG D 9 -8.43 15.15 -40.89
CA ARG D 9 -9.81 15.29 -40.45
C ARG D 9 -10.06 14.69 -39.07
N ARG D 10 -9.12 13.89 -38.55
CA ARG D 10 -9.32 13.25 -37.26
C ARG D 10 -9.24 14.28 -36.13
N ARG D 11 -10.16 14.16 -35.19
CA ARG D 11 -10.19 14.98 -33.99
C ARG D 11 -10.04 14.10 -32.75
N PRO D 12 -9.75 14.68 -31.60
CA PRO D 12 -9.62 13.87 -30.38
C PRO D 12 -10.89 13.07 -30.11
N ILE D 13 -10.73 12.03 -29.30
CA ILE D 13 -11.83 11.13 -28.98
C ILE D 13 -12.54 11.63 -27.74
N ARG D 14 -13.87 11.56 -27.76
CA ARG D 14 -14.71 11.96 -26.62
C ARG D 14 -15.37 10.70 -26.08
N VAL D 15 -14.96 10.29 -24.88
CA VAL D 15 -15.31 8.98 -24.33
C VAL D 15 -16.28 9.17 -23.16
N LEU D 16 -17.35 8.38 -23.18
CA LEU D 16 -18.25 8.24 -22.04
C LEU D 16 -18.06 6.85 -21.46
N SER D 17 -17.47 6.76 -20.27
CA SER D 17 -17.21 5.51 -19.60
C SER D 17 -18.15 5.38 -18.41
N LEU D 18 -19.01 4.37 -18.43
CA LEU D 18 -19.91 4.06 -17.33
C LEU D 18 -19.33 2.92 -16.52
N PHE D 19 -19.44 3.03 -15.19
CA PHE D 19 -18.79 2.06 -14.29
C PHE D 19 -17.28 2.07 -14.50
N ASP D 20 -16.72 3.27 -14.61
CA ASP D 20 -15.33 3.44 -15.02
C ASP D 20 -14.36 2.66 -14.14
N GLY D 21 -14.72 2.34 -12.92
CA GLY D 21 -13.80 1.63 -12.05
C GLY D 21 -12.56 2.46 -11.78
N ILE D 22 -11.40 1.95 -12.18
CA ILE D 22 -10.13 2.62 -11.94
C ILE D 22 -9.62 3.21 -13.25
N ALA D 23 -10.55 3.55 -14.15
CA ALA D 23 -10.22 4.27 -15.37
C ALA D 23 -9.31 3.46 -16.28
N THR D 24 -9.58 2.16 -16.38
CA THR D 24 -8.80 1.32 -17.28
C THR D 24 -8.92 1.81 -18.71
N GLY D 25 -10.12 2.18 -19.14
CA GLY D 25 -10.33 2.71 -20.47
C GLY D 25 -9.42 3.87 -20.79
N TYR D 26 -9.48 4.92 -19.96
CA TYR D 26 -8.59 6.06 -20.16
C TYR D 26 -7.14 5.63 -20.22
N LEU D 27 -6.75 4.67 -19.37
CA LEU D 27 -5.36 4.20 -19.35
C LEU D 27 -4.95 3.65 -20.71
N VAL D 28 -5.68 2.65 -21.21
CA VAL D 28 -5.33 2.04 -22.49
C VAL D 28 -5.35 3.08 -23.60
N LEU D 29 -6.34 3.99 -23.58
CA LEU D 29 -6.42 5.02 -24.59
C LEU D 29 -5.16 5.88 -24.61
N LYS D 30 -4.70 6.32 -23.44
CA LYS D 30 -3.51 7.15 -23.38
C LYS D 30 -2.26 6.35 -23.74
N GLU D 31 -2.17 5.11 -23.25
CA GLU D 31 -1.03 4.27 -23.61
C GLU D 31 -1.02 3.95 -25.10
N LEU D 32 -2.14 4.07 -25.79
CA LEU D 32 -2.20 3.86 -27.23
C LEU D 32 -1.77 5.09 -28.03
N GLY D 33 -1.59 6.22 -27.38
CA GLY D 33 -1.23 7.45 -28.06
C GLY D 33 -2.38 8.27 -28.58
N ILE D 34 -3.62 7.87 -28.28
CA ILE D 34 -4.80 8.57 -28.79
C ILE D 34 -5.03 9.81 -27.94
N LYS D 35 -5.25 10.95 -28.60
CA LYS D 35 -5.62 12.17 -27.91
C LYS D 35 -7.01 12.02 -27.31
N VAL D 36 -7.11 12.20 -25.99
CA VAL D 36 -8.39 12.07 -25.28
C VAL D 36 -8.92 13.47 -25.04
N GLY D 37 -9.91 13.88 -25.84
CA GLY D 37 -10.47 15.21 -25.67
C GLY D 37 -11.32 15.34 -24.42
N LYS D 38 -12.15 14.34 -24.14
CA LYS D 38 -13.00 14.36 -22.96
C LYS D 38 -13.30 12.93 -22.53
N TYR D 39 -13.20 12.69 -21.22
CA TYR D 39 -13.43 11.37 -20.64
C TYR D 39 -14.41 11.55 -19.48
N VAL D 40 -15.68 11.27 -19.73
CA VAL D 40 -16.73 11.42 -18.73
C VAL D 40 -16.93 10.06 -18.05
N ALA D 41 -16.57 9.98 -16.77
CA ALA D 41 -16.60 8.73 -16.02
C ALA D 41 -17.76 8.73 -15.05
N SER D 42 -18.58 7.67 -15.10
CA SER D 42 -19.65 7.45 -14.14
C SER D 42 -19.19 6.38 -13.16
N GLU D 43 -18.87 6.80 -11.94
CA GLU D 43 -18.34 5.90 -10.93
C GLU D 43 -18.75 6.41 -9.55
N VAL D 44 -19.00 5.47 -8.63
CA VAL D 44 -19.48 5.79 -7.30
C VAL D 44 -18.54 5.36 -6.19
N CYS D 45 -17.50 4.57 -6.49
CA CYS D 45 -16.58 4.13 -5.45
C CYS D 45 -15.56 5.23 -5.17
N GLU D 46 -15.49 5.65 -3.90
CA GLU D 46 -14.56 6.70 -3.51
C GLU D 46 -13.14 6.38 -3.92
N GLU D 47 -12.64 5.21 -3.53
CA GLU D 47 -11.26 4.84 -3.84
C GLU D 47 -11.05 4.74 -5.34
N SER D 48 -12.01 4.18 -6.07
CA SER D 48 -11.88 4.10 -7.52
C SER D 48 -11.66 5.47 -8.13
N ILE D 49 -12.50 6.44 -7.75
CA ILE D 49 -12.35 7.80 -8.27
C ILE D 49 -11.00 8.37 -7.86
N ALA D 50 -10.57 8.10 -6.63
CA ALA D 50 -9.29 8.61 -6.16
C ALA D 50 -8.15 8.15 -7.06
N VAL D 51 -8.15 6.87 -7.44
CA VAL D 51 -7.11 6.35 -8.33
C VAL D 51 -7.18 7.05 -9.69
N GLY D 52 -8.39 7.16 -10.25
CA GLY D 52 -8.52 7.77 -11.56
C GLY D 52 -8.02 9.20 -11.59
N THR D 53 -8.47 10.02 -10.63
CA THR D 53 -8.08 11.42 -10.61
C THR D 53 -6.59 11.58 -10.33
N VAL D 54 -6.10 10.87 -9.30
CA VAL D 54 -4.69 11.01 -8.92
C VAL D 54 -3.77 10.49 -10.02
N LYS D 55 -4.09 9.31 -10.57
CA LYS D 55 -3.23 8.70 -11.57
C LYS D 55 -3.34 9.38 -12.93
N HIS D 56 -4.39 10.18 -13.16
CA HIS D 56 -4.56 10.88 -14.43
C HIS D 56 -4.74 12.38 -14.24
N GLU D 57 -4.58 12.88 -13.01
CA GLU D 57 -4.45 14.31 -12.74
C GLU D 57 -5.62 15.12 -13.31
N GLY D 58 -6.84 14.66 -12.99
CA GLY D 58 -8.03 15.46 -13.24
C GLY D 58 -8.50 15.53 -14.67
N ASN D 59 -7.93 14.74 -15.59
CA ASN D 59 -8.43 14.73 -16.96
C ASN D 59 -9.77 14.04 -17.08
N ILE D 60 -10.17 13.26 -16.08
CA ILE D 60 -11.44 12.54 -16.10
C ILE D 60 -12.49 13.39 -15.40
N LYS D 61 -13.58 13.67 -16.11
CA LYS D 61 -14.73 14.36 -15.53
C LYS D 61 -15.64 13.31 -14.88
N TYR D 62 -15.62 13.26 -13.55
CA TYR D 62 -16.41 12.29 -12.80
C TYR D 62 -17.81 12.85 -12.60
N VAL D 63 -18.81 12.14 -13.07
CA VAL D 63 -20.13 12.74 -13.02
C VAL D 63 -20.87 12.29 -11.76
N ASN D 64 -21.32 11.03 -11.73
CA ASN D 64 -21.53 10.27 -10.49
C ASN D 64 -22.17 8.91 -10.78
N ASP D 65 -22.81 8.34 -9.76
CA ASP D 65 -23.83 7.31 -10.00
C ASP D 65 -24.46 7.49 -11.37
N VAL D 66 -24.56 6.40 -12.12
CA VAL D 66 -25.01 6.43 -13.51
C VAL D 66 -26.51 6.69 -13.62
N ARG D 67 -27.29 6.24 -12.63
CA ARG D 67 -28.74 6.37 -12.70
C ARG D 67 -29.22 7.81 -12.62
N ASN D 68 -28.35 8.75 -12.27
CA ASN D 68 -28.70 10.17 -12.21
C ASN D 68 -28.20 10.94 -13.42
N ILE D 69 -27.67 10.25 -14.43
CA ILE D 69 -27.28 10.88 -15.68
C ILE D 69 -28.52 11.04 -16.54
N THR D 70 -28.86 12.28 -16.88
CA THR D 70 -30.07 12.57 -17.62
C THR D 70 -29.81 12.61 -19.12
N LYS D 71 -30.90 12.69 -19.88
CA LYS D 71 -30.80 12.95 -21.31
C LYS D 71 -30.03 14.24 -21.58
N LYS D 72 -30.42 15.32 -20.89
CA LYS D 72 -29.72 16.59 -21.03
C LYS D 72 -28.25 16.45 -20.70
N ASN D 73 -27.91 15.61 -19.71
CA ASN D 73 -26.51 15.39 -19.38
C ASN D 73 -25.74 14.84 -20.58
N ILE D 74 -26.34 13.89 -21.31
CA ILE D 74 -25.63 13.26 -22.42
C ILE D 74 -25.35 14.28 -23.52
N GLU D 75 -26.28 15.20 -23.76
CA GLU D 75 -26.07 16.18 -24.83
C GLU D 75 -25.18 17.33 -24.39
N GLU D 76 -25.29 17.76 -23.12
CA GLU D 76 -24.36 18.75 -22.61
C GLU D 76 -22.93 18.22 -22.64
N TRP D 77 -22.71 17.03 -22.05
CA TRP D 77 -21.38 16.46 -21.99
C TRP D 77 -20.91 15.97 -23.35
N GLY D 78 -21.84 15.61 -24.23
CA GLY D 78 -21.50 15.10 -25.53
C GLY D 78 -21.07 16.18 -26.50
N PRO D 79 -20.91 15.82 -27.78
CA PRO D 79 -21.15 14.45 -28.26
C PRO D 79 -20.07 13.49 -27.77
N PHE D 80 -20.35 12.19 -27.83
CA PHE D 80 -19.40 11.17 -27.42
C PHE D 80 -19.04 10.31 -28.63
N ASP D 81 -17.74 10.09 -28.82
CA ASP D 81 -17.26 9.22 -29.88
C ASP D 81 -17.11 7.77 -29.43
N LEU D 82 -17.01 7.53 -28.13
CA LEU D 82 -16.83 6.19 -27.58
C LEU D 82 -17.60 6.07 -26.28
N VAL D 83 -18.45 5.06 -26.19
CA VAL D 83 -19.22 4.75 -24.98
C VAL D 83 -18.85 3.35 -24.54
N ILE D 84 -18.26 3.22 -23.36
CA ILE D 84 -17.73 1.95 -22.88
C ILE D 84 -18.13 1.76 -21.43
N GLY D 85 -18.19 0.50 -21.01
CA GLY D 85 -18.51 0.20 -19.63
C GLY D 85 -18.75 -1.27 -19.38
N GLY D 86 -18.51 -1.70 -18.13
CA GLY D 86 -18.85 -3.03 -17.70
C GLY D 86 -19.56 -3.02 -16.37
N SER D 87 -20.81 -3.50 -16.35
CA SER D 87 -21.63 -3.39 -15.16
C SER D 87 -21.14 -4.36 -14.07
N PRO D 88 -21.48 -4.09 -12.82
CA PRO D 88 -21.09 -5.01 -11.74
C PRO D 88 -21.62 -6.41 -12.00
N CYS D 89 -20.79 -7.41 -11.70
CA CYS D 89 -21.11 -8.80 -11.97
C CYS D 89 -21.37 -9.59 -10.69
N ASN D 90 -21.56 -8.92 -9.56
CA ASN D 90 -21.76 -9.64 -8.30
C ASN D 90 -23.07 -10.41 -8.30
N ASP D 91 -24.07 -9.95 -9.06
CA ASP D 91 -25.35 -10.65 -9.18
C ASP D 91 -25.48 -11.36 -10.52
N LEU D 92 -24.39 -11.55 -11.24
CA LEU D 92 -24.40 -12.22 -12.53
C LEU D 92 -23.42 -13.39 -12.61
N SER D 93 -22.24 -13.25 -11.99
CA SER D 93 -21.24 -14.31 -12.06
C SER D 93 -21.68 -15.53 -11.25
N ASN D 94 -21.23 -16.70 -11.67
CA ASN D 94 -21.59 -17.94 -11.02
C ASN D 94 -20.83 -18.17 -9.71
N VAL D 95 -19.82 -17.36 -9.42
CA VAL D 95 -19.08 -17.51 -8.18
C VAL D 95 -19.95 -17.20 -6.96
N ASN D 96 -21.00 -16.38 -7.14
CA ASN D 96 -21.90 -16.06 -6.05
C ASN D 96 -23.14 -16.95 -6.14
N PRO D 97 -23.36 -17.86 -5.20
CA PRO D 97 -24.56 -18.71 -5.28
C PRO D 97 -25.86 -17.95 -5.07
N ALA D 98 -25.81 -16.74 -4.51
CA ALA D 98 -27.00 -15.95 -4.25
C ALA D 98 -27.20 -14.84 -5.27
N ARG D 99 -26.60 -14.96 -6.45
CA ARG D 99 -26.78 -13.96 -7.49
C ARG D 99 -28.26 -13.78 -7.80
N LYS D 100 -28.61 -12.59 -8.31
CA LYS D 100 -30.01 -12.23 -8.55
C LYS D 100 -30.29 -11.92 -10.00
N GLY D 101 -29.51 -12.47 -10.92
CA GLY D 101 -29.76 -12.15 -12.29
C GLY D 101 -29.55 -10.67 -12.60
N LEU D 102 -29.80 -10.33 -13.87
CA LEU D 102 -29.65 -8.97 -14.36
C LEU D 102 -30.96 -8.19 -14.36
N TYR D 103 -32.01 -8.73 -13.74
CA TYR D 103 -33.25 -8.00 -13.57
C TYR D 103 -33.50 -7.58 -12.13
N GLU D 104 -32.68 -8.02 -11.18
CA GLU D 104 -32.80 -7.64 -9.79
C GLU D 104 -31.40 -7.37 -9.24
N GLY D 105 -31.35 -6.80 -8.04
CA GLY D 105 -30.06 -6.52 -7.44
C GLY D 105 -29.28 -5.51 -8.25
N THR D 106 -27.99 -5.80 -8.45
CA THR D 106 -27.12 -4.90 -9.21
C THR D 106 -27.07 -5.24 -10.69
N GLY D 107 -27.61 -6.39 -11.11
CA GLY D 107 -27.67 -6.72 -12.52
C GLY D 107 -28.46 -5.69 -13.32
N ARG D 108 -29.44 -5.05 -12.69
CA ARG D 108 -30.21 -4.02 -13.36
C ARG D 108 -29.32 -2.96 -13.99
N LEU D 109 -28.21 -2.64 -13.34
CA LEU D 109 -27.35 -1.55 -13.80
C LEU D 109 -26.89 -1.74 -15.24
N PHE D 110 -26.99 -2.96 -15.78
CA PHE D 110 -26.73 -3.16 -17.20
C PHE D 110 -27.61 -2.26 -18.05
N PHE D 111 -28.91 -2.25 -17.76
CA PHE D 111 -29.86 -1.48 -18.57
C PHE D 111 -29.56 0.01 -18.54
N GLU D 112 -28.89 0.50 -17.49
CA GLU D 112 -28.44 1.88 -17.51
C GLU D 112 -27.44 2.12 -18.62
N PHE D 113 -26.53 1.18 -18.84
CA PHE D 113 -25.62 1.25 -19.98
C PHE D 113 -26.41 1.22 -21.28
N TYR D 114 -27.38 0.31 -21.38
CA TYR D 114 -28.24 0.28 -22.56
C TYR D 114 -28.99 1.59 -22.71
N HIS D 115 -29.49 2.15 -21.62
CA HIS D 115 -30.23 3.40 -21.68
C HIS D 115 -29.34 4.53 -22.18
N LEU D 116 -28.23 4.79 -21.48
CA LEU D 116 -27.34 5.89 -21.85
C LEU D 116 -26.68 5.66 -23.21
N LEU D 117 -26.60 4.42 -23.67
CA LEU D 117 -26.03 4.17 -25.00
C LEU D 117 -26.93 4.75 -26.08
N ASN D 118 -28.22 4.43 -26.04
CA ASN D 118 -29.13 4.94 -27.06
C ASN D 118 -29.24 6.45 -27.02
N TYR D 119 -29.10 7.06 -25.85
CA TYR D 119 -29.03 8.51 -25.78
C TYR D 119 -27.79 9.03 -26.50
N SER D 120 -26.66 8.36 -26.31
CA SER D 120 -25.41 8.80 -26.93
C SER D 120 -25.36 8.50 -28.42
N ARG D 121 -26.20 7.59 -28.90
CA ARG D 121 -26.15 7.21 -30.31
C ARG D 121 -26.43 8.44 -31.18
N PRO D 122 -25.67 8.64 -32.26
CA PRO D 122 -25.98 9.72 -33.18
C PRO D 122 -27.32 9.49 -33.87
N LYS D 123 -28.13 10.54 -33.96
CA LYS D 123 -29.44 10.43 -34.58
C LYS D 123 -29.31 10.09 -36.05
N GLU D 124 -30.41 9.61 -36.63
CA GLU D 124 -30.40 9.26 -38.04
C GLU D 124 -30.02 10.46 -38.89
N GLY D 125 -29.22 10.20 -39.93
CA GLY D 125 -28.67 11.25 -40.76
C GLY D 125 -27.30 11.75 -40.34
N ASP D 126 -26.76 11.24 -39.23
CA ASP D 126 -25.44 11.62 -38.74
C ASP D 126 -24.54 10.39 -38.88
N ASP D 127 -23.86 10.29 -40.01
CA ASP D 127 -23.00 9.16 -40.33
C ASP D 127 -21.62 9.28 -39.70
N ARG D 128 -21.45 10.13 -38.70
CA ARG D 128 -20.18 10.24 -38.01
C ARG D 128 -19.84 8.92 -37.33
N PRO D 129 -18.55 8.66 -37.11
CA PRO D 129 -18.16 7.43 -36.42
C PRO D 129 -18.65 7.43 -34.98
N PHE D 130 -19.04 6.24 -34.52
CA PHE D 130 -19.47 6.07 -33.13
C PHE D 130 -19.21 4.62 -32.74
N PHE D 131 -18.45 4.43 -31.66
CA PHE D 131 -18.07 3.10 -31.20
C PHE D 131 -18.49 2.91 -29.75
N TRP D 132 -18.85 1.66 -29.42
CA TRP D 132 -19.25 1.31 -28.08
C TRP D 132 -18.76 -0.10 -27.77
N MET D 133 -18.67 -0.41 -26.48
CA MET D 133 -18.20 -1.71 -26.04
C MET D 133 -18.69 -1.96 -24.63
N PHE D 134 -19.09 -3.20 -24.36
CA PHE D 134 -19.61 -3.60 -23.06
C PHE D 134 -18.94 -4.91 -22.64
N GLU D 135 -18.44 -4.94 -21.41
CA GLU D 135 -17.74 -6.10 -20.88
C GLU D 135 -18.53 -6.73 -19.74
N ASN D 136 -18.35 -8.03 -19.56
CA ASN D 136 -18.94 -8.73 -18.43
C ASN D 136 -18.39 -10.16 -18.42
N VAL D 137 -18.72 -10.88 -17.35
CA VAL D 137 -18.16 -12.21 -17.14
C VAL D 137 -18.82 -13.23 -18.07
N VAL D 138 -18.13 -14.35 -18.27
CA VAL D 138 -18.71 -15.44 -19.04
C VAL D 138 -19.63 -16.29 -18.19
N ALA D 139 -19.32 -16.41 -16.89
CA ALA D 139 -20.06 -17.31 -16.00
C ALA D 139 -21.39 -16.67 -15.57
N MET D 140 -22.23 -16.39 -16.56
CA MET D 140 -23.57 -15.87 -16.32
C MET D 140 -24.60 -16.81 -16.92
N LYS D 141 -25.81 -16.74 -16.37
CA LYS D 141 -26.89 -17.59 -16.85
C LYS D 141 -27.13 -17.34 -18.33
N VAL D 142 -27.39 -18.44 -19.07
CA VAL D 142 -27.60 -18.31 -20.51
C VAL D 142 -28.75 -17.35 -20.80
N GLY D 143 -29.75 -17.32 -19.94
CA GLY D 143 -30.84 -16.37 -20.14
C GLY D 143 -30.37 -14.93 -20.05
N ASP D 144 -29.45 -14.64 -19.12
CA ASP D 144 -28.92 -13.29 -18.99
C ASP D 144 -28.07 -12.93 -20.21
N LYS D 145 -27.13 -13.80 -20.59
CA LYS D 145 -26.35 -13.57 -21.80
C LYS D 145 -27.27 -13.34 -22.99
N ARG D 146 -28.34 -14.13 -23.10
CA ARG D 146 -29.29 -13.95 -24.19
C ARG D 146 -29.90 -12.56 -24.16
N ASP D 147 -30.51 -12.18 -23.03
CA ASP D 147 -31.21 -10.91 -22.94
C ASP D 147 -30.25 -9.74 -23.17
N ILE D 148 -29.07 -9.79 -22.55
CA ILE D 148 -28.07 -8.73 -22.76
C ILE D 148 -27.82 -8.54 -24.25
N SER D 149 -27.51 -9.63 -24.95
CA SER D 149 -27.33 -9.54 -26.40
C SER D 149 -28.57 -8.99 -27.07
N ARG D 150 -29.75 -9.33 -26.56
CA ARG D 150 -30.99 -8.82 -27.12
C ARG D 150 -31.03 -7.29 -27.07
N PHE D 151 -30.75 -6.72 -25.89
CA PHE D 151 -30.86 -5.27 -25.73
C PHE D 151 -29.77 -4.54 -26.50
N LEU D 152 -28.57 -5.10 -26.55
CA LEU D 152 -27.50 -4.47 -27.33
C LEU D 152 -27.53 -4.82 -28.80
N GLU D 153 -28.44 -5.72 -29.22
CA GLU D 153 -28.58 -6.10 -30.61
C GLU D 153 -27.23 -6.51 -31.21
N CYS D 154 -26.49 -7.31 -30.45
CA CYS D 154 -25.15 -7.73 -30.85
C CYS D 154 -24.76 -8.97 -30.08
N ASN D 155 -23.92 -9.79 -30.70
CA ASN D 155 -23.44 -10.97 -29.99
C ASN D 155 -22.04 -10.74 -29.46
N PRO D 156 -21.74 -11.26 -28.27
CA PRO D 156 -20.46 -10.97 -27.63
C PRO D 156 -19.31 -11.78 -28.23
N VAL D 157 -18.11 -11.24 -28.06
CA VAL D 157 -16.87 -11.93 -28.38
C VAL D 157 -16.19 -12.26 -27.07
N MET D 158 -15.92 -13.54 -26.84
CA MET D 158 -15.18 -13.95 -25.66
C MET D 158 -13.69 -13.79 -25.91
N ILE D 159 -13.01 -13.13 -24.99
CA ILE D 159 -11.55 -13.00 -25.03
C ILE D 159 -11.03 -13.32 -23.64
N ASP D 160 -10.14 -14.31 -23.56
CA ASP D 160 -9.55 -14.72 -22.30
C ASP D 160 -8.19 -14.04 -22.16
N ALA D 161 -7.99 -13.34 -21.03
CA ALA D 161 -6.75 -12.60 -20.81
C ALA D 161 -5.52 -13.50 -20.81
N ILE D 162 -5.70 -14.83 -20.76
CA ILE D 162 -4.56 -15.73 -20.64
C ILE D 162 -3.63 -15.61 -21.84
N LYS D 163 -4.16 -15.29 -23.02
CA LYS D 163 -3.32 -15.18 -24.21
C LYS D 163 -2.34 -14.03 -24.12
N VAL D 164 -2.69 -12.96 -23.41
CA VAL D 164 -1.86 -11.77 -23.31
C VAL D 164 -1.46 -11.44 -21.89
N SER D 165 -1.96 -12.15 -20.89
CA SER D 165 -1.63 -11.91 -19.49
C SER D 165 -1.16 -13.19 -18.83
N ALA D 166 -0.71 -13.07 -17.59
CA ALA D 166 -0.29 -14.22 -16.80
C ALA D 166 -1.42 -14.80 -15.95
N ALA D 167 -2.67 -14.49 -16.29
CA ALA D 167 -3.81 -14.90 -15.48
C ALA D 167 -4.97 -15.32 -16.38
N HIS D 168 -5.88 -16.10 -15.79
CA HIS D 168 -7.11 -16.50 -16.46
C HIS D 168 -8.16 -15.41 -16.28
N ARG D 169 -8.67 -14.87 -17.39
CA ARG D 169 -9.79 -13.93 -17.33
C ARG D 169 -10.57 -14.07 -18.64
N ALA D 170 -11.64 -14.85 -18.61
CA ALA D 170 -12.51 -15.04 -19.77
C ALA D 170 -13.73 -14.13 -19.63
N ARG D 171 -13.93 -13.26 -20.61
CA ARG D 171 -14.97 -12.24 -20.53
C ARG D 171 -15.64 -12.07 -21.88
N TYR D 172 -16.94 -11.82 -21.86
CA TYR D 172 -17.68 -11.47 -23.06
C TYR D 172 -17.53 -9.99 -23.35
N PHE D 173 -17.46 -9.63 -24.63
CA PHE D 173 -17.31 -8.24 -25.06
C PHE D 173 -18.30 -7.96 -26.19
N TRP D 174 -19.40 -7.29 -25.84
CA TRP D 174 -20.30 -6.73 -26.85
C TRP D 174 -19.74 -5.40 -27.34
N GLY D 175 -20.00 -5.11 -28.61
CA GLY D 175 -19.60 -3.83 -29.15
C GLY D 175 -19.52 -3.86 -30.66
N ASN D 176 -19.13 -2.72 -31.22
CA ASN D 176 -18.96 -2.53 -32.65
C ASN D 176 -17.54 -2.12 -33.01
N LEU D 177 -16.58 -2.38 -32.14
CA LEU D 177 -15.21 -1.95 -32.39
C LEU D 177 -14.66 -2.63 -33.64
N PRO D 178 -13.82 -1.96 -34.42
CA PRO D 178 -13.26 -2.60 -35.61
C PRO D 178 -12.43 -3.81 -35.24
N GLY D 179 -12.75 -4.94 -35.87
CA GLY D 179 -11.97 -6.16 -35.69
C GLY D 179 -11.90 -6.65 -34.25
N MET D 180 -13.06 -6.92 -33.64
CA MET D 180 -13.08 -7.56 -32.34
C MET D 180 -12.90 -9.07 -32.45
N ASN D 181 -13.33 -9.66 -33.56
CA ASN D 181 -13.22 -11.09 -33.78
C ASN D 181 -11.85 -11.53 -34.27
N ARG D 182 -10.95 -10.58 -34.56
CA ARG D 182 -9.62 -10.93 -35.03
C ARG D 182 -8.90 -11.76 -33.97
N PRO D 183 -7.97 -12.62 -34.38
CA PRO D 183 -7.17 -13.36 -33.39
C PRO D 183 -6.28 -12.42 -32.59
N VAL D 184 -6.30 -12.59 -31.27
CA VAL D 184 -5.49 -11.77 -30.39
C VAL D 184 -4.06 -12.30 -30.40
N ILE D 185 -3.09 -11.39 -30.42
CA ILE D 185 -1.68 -11.74 -30.50
C ILE D 185 -0.93 -11.04 -29.38
N ALA D 186 0.10 -11.70 -28.87
CA ALA D 186 0.89 -11.16 -27.78
C ALA D 186 1.87 -10.10 -28.29
N SER D 187 2.27 -9.21 -27.40
CA SER D 187 3.22 -8.15 -27.68
C SER D 187 4.56 -8.48 -27.00
N LYS D 188 5.56 -7.64 -27.29
CA LYS D 188 6.86 -7.82 -26.65
C LYS D 188 6.77 -7.65 -25.14
N ASN D 189 6.11 -6.58 -24.69
CA ASN D 189 6.09 -6.20 -23.28
C ASN D 189 4.96 -6.86 -22.51
N ASP D 190 4.23 -7.79 -23.12
CA ASP D 190 3.16 -8.51 -22.41
C ASP D 190 3.77 -9.51 -21.44
N LYS D 191 3.51 -9.33 -20.16
CA LYS D 191 3.97 -10.23 -19.11
C LYS D 191 3.14 -11.52 -19.20
N LEU D 192 3.68 -12.51 -19.90
CA LEU D 192 2.94 -13.73 -20.20
C LEU D 192 3.05 -14.77 -19.09
N GLU D 193 4.08 -14.71 -18.25
CA GLU D 193 4.28 -15.72 -17.21
C GLU D 193 4.45 -15.04 -15.86
N LEU D 194 3.94 -15.71 -14.82
CA LEU D 194 3.90 -15.12 -13.49
C LEU D 194 5.27 -14.62 -13.05
N GLN D 195 6.33 -15.33 -13.43
CA GLN D 195 7.67 -14.91 -13.03
C GLN D 195 8.02 -13.53 -13.59
N ASP D 196 7.45 -13.17 -14.74
CA ASP D 196 7.68 -11.84 -15.29
C ASP D 196 6.98 -10.75 -14.49
N CYS D 197 5.96 -11.12 -13.71
CA CYS D 197 5.20 -10.15 -12.93
C CYS D 197 5.71 -9.98 -11.50
N LEU D 198 6.48 -10.94 -11.00
CA LEU D 198 6.90 -10.91 -9.61
C LEU D 198 8.03 -9.90 -9.40
N GLU D 199 8.30 -9.62 -8.12
CA GLU D 199 9.38 -8.72 -7.75
C GLU D 199 10.70 -9.49 -7.73
N TYR D 200 11.77 -8.79 -7.33
CA TYR D 200 13.07 -9.43 -7.22
C TYR D 200 13.09 -10.41 -6.06
N ASN D 201 13.85 -11.50 -6.23
CA ASN D 201 14.04 -12.52 -5.21
C ASN D 201 12.76 -13.28 -4.89
N ARG D 202 11.81 -13.32 -5.82
CA ARG D 202 10.59 -14.09 -5.67
C ARG D 202 10.49 -15.10 -6.82
N ILE D 203 10.08 -16.32 -6.49
CA ILE D 203 10.00 -17.40 -7.47
C ILE D 203 8.53 -17.73 -7.70
N ALA D 204 8.17 -17.93 -8.97
CA ALA D 204 6.80 -18.25 -9.33
C ALA D 204 6.62 -19.77 -9.38
N LYS D 205 5.57 -20.26 -8.70
CA LYS D 205 5.27 -21.68 -8.73
C LYS D 205 4.53 -22.11 -9.99
N LEU D 206 3.92 -21.17 -10.71
CA LEU D 206 3.11 -21.51 -11.87
C LEU D 206 3.44 -20.57 -13.02
N LYS D 207 3.10 -21.03 -14.23
CA LYS D 207 3.17 -20.17 -15.41
C LYS D 207 2.01 -19.18 -15.43
N LYS D 208 0.81 -19.65 -15.10
CA LYS D 208 -0.39 -18.84 -15.11
C LYS D 208 -1.15 -19.06 -13.80
N VAL D 209 -1.89 -18.03 -13.38
CA VAL D 209 -2.69 -18.10 -12.17
C VAL D 209 -4.16 -18.10 -12.54
N GLN D 210 -4.98 -18.63 -11.64
CA GLN D 210 -6.41 -18.74 -11.90
C GLN D 210 -7.06 -17.35 -11.83
N THR D 211 -8.29 -17.29 -12.33
CA THR D 211 -9.01 -16.03 -12.42
C THR D 211 -9.03 -15.31 -11.08
N ILE D 212 -8.59 -14.06 -11.09
CA ILE D 212 -8.46 -13.26 -9.88
C ILE D 212 -9.79 -12.55 -9.61
N THR D 213 -10.32 -12.73 -8.40
CA THR D 213 -11.54 -12.11 -7.93
C THR D 213 -11.21 -11.06 -6.88
N THR D 214 -12.25 -10.49 -6.27
CA THR D 214 -12.03 -9.50 -5.22
C THR D 214 -11.37 -10.11 -3.98
N LYS D 215 -11.59 -11.39 -3.73
CA LYS D 215 -11.16 -12.02 -2.49
C LYS D 215 -9.75 -12.58 -2.60
N SER D 216 -9.02 -12.49 -1.48
CA SER D 216 -7.63 -12.96 -1.45
C SER D 216 -7.52 -14.46 -1.68
N ALA D 217 -8.59 -15.21 -1.49
CA ALA D 217 -8.52 -16.66 -1.66
C ALA D 217 -8.23 -17.05 -3.10
N SER D 218 -8.65 -16.24 -4.07
CA SER D 218 -8.38 -16.53 -5.47
C SER D 218 -6.90 -16.43 -5.80
N ILE D 219 -6.07 -15.95 -4.87
CA ILE D 219 -4.63 -15.92 -5.11
C ILE D 219 -4.01 -17.29 -4.86
N LYS D 220 -4.62 -18.08 -3.97
CA LYS D 220 -4.16 -19.45 -3.74
C LYS D 220 -4.67 -20.34 -4.88
N GLN D 221 -3.76 -21.08 -5.50
CA GLN D 221 -4.04 -21.78 -6.74
C GLN D 221 -4.56 -23.19 -6.49
N GLY D 222 -5.51 -23.60 -7.31
CA GLY D 222 -5.93 -24.99 -7.37
C GLY D 222 -6.86 -25.41 -6.24
N LYS D 223 -7.12 -26.72 -6.21
CA LYS D 223 -8.01 -27.29 -5.21
C LYS D 223 -7.36 -27.35 -3.84
N ASN D 224 -6.03 -27.46 -3.79
CA ASN D 224 -5.32 -27.42 -2.51
C ASN D 224 -5.22 -26.01 -1.96
N GLN D 225 -5.31 -24.98 -2.81
CA GLN D 225 -5.18 -23.59 -2.39
C GLN D 225 -3.77 -23.30 -1.87
N LEU D 226 -2.77 -23.74 -2.63
CA LEU D 226 -1.38 -23.51 -2.26
C LEU D 226 -0.96 -22.08 -2.60
N PHE D 227 0.07 -21.62 -1.92
CA PHE D 227 0.59 -20.28 -2.17
C PHE D 227 1.29 -20.23 -3.53
N PRO D 228 1.10 -19.16 -4.30
CA PRO D 228 1.68 -19.10 -5.65
C PRO D 228 3.12 -18.64 -5.69
N VAL D 229 3.70 -18.19 -4.58
CA VAL D 229 5.01 -17.57 -4.60
C VAL D 229 5.89 -18.17 -3.51
N VAL D 230 7.18 -18.25 -3.82
CA VAL D 230 8.21 -18.61 -2.84
C VAL D 230 9.27 -17.52 -2.84
N MET D 231 9.62 -17.04 -1.66
CA MET D 231 10.74 -16.14 -1.49
C MET D 231 11.41 -16.43 -0.16
N ASN D 232 12.74 -16.35 -0.13
CA ASN D 232 13.51 -16.70 1.06
C ASN D 232 13.20 -18.12 1.53
N GLY D 233 12.86 -18.99 0.58
CA GLY D 233 12.48 -20.35 0.95
C GLY D 233 11.24 -20.43 1.80
N LYS D 234 10.29 -19.52 1.62
CA LYS D 234 9.03 -19.54 2.34
C LYS D 234 7.90 -19.20 1.38
N GLU D 235 6.78 -19.91 1.52
CA GLU D 235 5.66 -19.71 0.63
C GLU D 235 4.89 -18.45 1.00
N ASP D 236 4.47 -17.71 -0.02
CA ASP D 236 3.87 -16.39 0.18
C ASP D 236 2.82 -16.15 -0.89
N VAL D 237 1.91 -15.22 -0.59
CA VAL D 237 0.86 -14.82 -1.51
C VAL D 237 1.39 -13.74 -2.44
N LEU D 238 0.66 -13.45 -3.51
CA LEU D 238 1.05 -12.39 -4.44
C LEU D 238 1.04 -11.04 -3.73
N TRP D 239 1.79 -10.10 -4.29
CA TRP D 239 1.85 -8.73 -3.80
C TRP D 239 1.02 -7.81 -4.69
N CYS D 240 0.61 -6.68 -4.12
CA CYS D 240 -0.24 -5.76 -4.86
C CYS D 240 0.44 -5.24 -6.12
N THR D 241 1.73 -4.91 -6.02
CA THR D 241 2.46 -4.51 -7.22
C THR D 241 2.52 -5.63 -8.24
N GLU D 242 2.54 -6.88 -7.78
CA GLU D 242 2.53 -8.02 -8.69
C GLU D 242 1.16 -8.25 -9.30
N LEU D 243 0.10 -8.15 -8.50
CA LEU D 243 -1.26 -8.17 -9.05
C LEU D 243 -1.43 -7.14 -10.14
N GLU D 244 -0.93 -5.92 -9.91
CA GLU D 244 -1.04 -4.87 -10.91
C GLU D 244 -0.33 -5.28 -12.20
N ARG D 245 0.88 -5.83 -12.08
CA ARG D 245 1.60 -6.26 -13.28
C ARG D 245 0.90 -7.42 -13.97
N ILE D 246 0.18 -8.25 -13.23
CA ILE D 246 -0.58 -9.33 -13.84
C ILE D 246 -1.67 -8.76 -14.74
N PHE D 247 -2.38 -7.75 -14.26
CA PHE D 247 -3.48 -7.14 -15.02
C PHE D 247 -2.99 -6.23 -16.13
N GLY D 248 -1.69 -5.92 -16.18
CA GLY D 248 -1.19 -4.99 -17.16
C GLY D 248 -1.22 -3.53 -16.74
N PHE D 249 -1.62 -3.24 -15.51
CA PHE D 249 -1.61 -1.89 -15.02
C PHE D 249 -0.18 -1.43 -14.73
N PRO D 250 0.07 -0.12 -14.76
CA PRO D 250 1.36 0.38 -14.29
C PRO D 250 1.57 0.00 -12.83
N VAL D 251 2.83 -0.28 -12.49
CA VAL D 251 3.15 -0.64 -11.11
C VAL D 251 2.83 0.53 -10.19
N HIS D 252 2.19 0.23 -9.07
CA HIS D 252 1.75 1.23 -8.10
C HIS D 252 0.55 2.03 -8.60
N TYR D 253 -0.20 1.49 -9.56
CA TYR D 253 -1.37 2.18 -10.08
C TYR D 253 -2.44 2.33 -9.02
N THR D 254 -2.49 1.41 -8.05
CA THR D 254 -3.48 1.45 -6.97
C THR D 254 -2.86 1.76 -5.61
N ASP D 255 -1.70 2.43 -5.59
CA ASP D 255 -1.11 2.92 -4.35
C ASP D 255 -1.70 4.30 -4.07
N VAL D 256 -2.94 4.30 -3.57
CA VAL D 256 -3.72 5.51 -3.41
C VAL D 256 -4.62 5.37 -2.19
N SER D 257 -5.01 6.52 -1.63
CA SER D 257 -6.02 6.60 -0.57
C SER D 257 -5.64 5.75 0.65
N ASN D 258 -4.35 5.55 0.89
CA ASN D 258 -3.88 4.72 1.99
C ASN D 258 -4.52 3.33 1.92
N MET D 259 -4.88 2.90 0.71
CA MET D 259 -5.50 1.60 0.54
C MET D 259 -4.55 0.48 0.92
N GLY D 260 -5.08 -0.53 1.60
CA GLY D 260 -4.32 -1.69 1.98
C GLY D 260 -4.34 -2.76 0.91
N ARG D 261 -4.22 -4.02 1.34
N ARG D 261 -4.20 -4.01 1.34
CA ARG D 261 -4.20 -5.11 0.37
CA ARG D 261 -4.19 -5.14 0.43
C ARG D 261 -5.62 -5.49 -0.05
C ARG D 261 -5.61 -5.48 -0.04
N GLY D 262 -6.52 -5.69 0.91
CA GLY D 262 -7.90 -6.02 0.55
C GLY D 262 -8.53 -4.99 -0.37
N ALA D 263 -8.27 -3.70 -0.11
CA ALA D 263 -8.84 -2.65 -0.94
C ALA D 263 -8.28 -2.71 -2.36
N ARG D 264 -6.96 -2.82 -2.50
CA ARG D 264 -6.35 -2.80 -3.82
C ARG D 264 -6.72 -4.04 -4.62
N GLN D 265 -6.86 -5.19 -3.96
CA GLN D 265 -7.30 -6.38 -4.68
C GLN D 265 -8.77 -6.27 -5.05
N LYS D 266 -9.58 -5.65 -4.19
CA LYS D 266 -10.98 -5.43 -4.52
C LYS D 266 -11.12 -4.62 -5.81
N LEU D 267 -10.32 -3.55 -5.94
CA LEU D 267 -10.39 -2.74 -7.15
C LEU D 267 -9.81 -3.47 -8.35
N LEU D 268 -8.70 -4.19 -8.16
CA LEU D 268 -8.09 -4.89 -9.27
C LEU D 268 -8.87 -6.13 -9.68
N GLY D 269 -9.54 -6.79 -8.73
CA GLY D 269 -10.27 -8.01 -9.05
C GLY D 269 -11.44 -7.79 -9.98
N ARG D 270 -12.02 -6.59 -9.97
CA ARG D 270 -13.17 -6.26 -10.79
C ARG D 270 -12.79 -5.53 -12.08
N SER D 271 -11.51 -5.23 -12.28
CA SER D 271 -11.08 -4.39 -13.39
C SER D 271 -10.92 -5.24 -14.65
N TRP D 272 -10.38 -4.61 -15.70
CA TRP D 272 -10.12 -5.26 -16.97
C TRP D 272 -8.64 -5.63 -17.08
N SER D 273 -8.37 -6.66 -17.87
CA SER D 273 -6.99 -6.99 -18.25
C SER D 273 -6.53 -5.97 -19.28
N VAL D 274 -5.66 -5.04 -18.85
CA VAL D 274 -5.22 -3.91 -19.67
C VAL D 274 -4.88 -4.37 -21.09
N PRO D 275 -4.06 -5.42 -21.26
CA PRO D 275 -3.72 -5.84 -22.63
C PRO D 275 -4.93 -6.25 -23.45
N VAL D 276 -5.94 -6.86 -22.83
CA VAL D 276 -7.14 -7.23 -23.57
C VAL D 276 -7.85 -5.98 -24.08
N ILE D 277 -8.01 -4.97 -23.21
CA ILE D 277 -8.66 -3.73 -23.63
C ILE D 277 -7.81 -3.03 -24.68
N ARG D 278 -6.48 -3.12 -24.58
CA ARG D 278 -5.63 -2.56 -25.62
C ARG D 278 -5.88 -3.26 -26.95
N HIS D 279 -6.00 -4.58 -26.94
CA HIS D 279 -6.34 -5.30 -28.16
C HIS D 279 -7.67 -4.84 -28.74
N LEU D 280 -8.61 -4.43 -27.89
CA LEU D 280 -9.92 -4.03 -28.37
C LEU D 280 -9.92 -2.60 -28.90
N PHE D 281 -9.24 -1.69 -28.21
CA PHE D 281 -9.21 -0.29 -28.63
C PHE D 281 -8.16 -0.01 -29.70
N ALA D 282 -7.28 -0.96 -30.00
CA ALA D 282 -6.18 -0.73 -30.94
C ALA D 282 -6.65 -0.11 -32.26
N PRO D 283 -7.65 -0.64 -32.96
CA PRO D 283 -8.05 -0.06 -34.24
C PRO D 283 -8.68 1.33 -34.13
N LEU D 284 -8.85 1.87 -32.91
CA LEU D 284 -9.46 3.18 -32.77
C LEU D 284 -8.51 4.30 -33.17
N LYS D 285 -7.19 4.07 -33.07
CA LYS D 285 -6.23 5.10 -33.42
C LYS D 285 -6.20 5.42 -34.91
N ASP D 286 -7.04 4.77 -35.71
CA ASP D 286 -7.20 5.10 -37.12
C ASP D 286 -8.39 6.02 -37.37
N TYR D 287 -9.14 6.36 -36.32
CA TYR D 287 -10.32 7.21 -36.45
C TYR D 287 -10.23 8.50 -35.64
N PHE D 288 -9.17 8.68 -34.85
CA PHE D 288 -9.07 9.84 -33.96
C PHE D 288 -7.62 10.31 -33.90
N ALA D 289 -7.46 11.56 -33.46
CA ALA D 289 -6.14 12.17 -33.39
C ALA D 289 -5.23 11.38 -32.46
N CYS D 290 -3.93 11.43 -32.73
CA CYS D 290 -2.93 10.65 -32.00
C CYS D 290 -1.76 11.54 -31.64
N GLU D 291 -1.50 11.69 -30.35
CA GLU D 291 -0.34 12.44 -29.87
C GLU D 291 -0.24 12.36 -28.35
P PYO E 6 -15.51 -15.10 -12.91
OP1 PYO E 6 -16.87 -14.73 -13.39
OP2 PYO E 6 -14.65 -15.59 -14.09
O5' PYO E 6 -14.81 -13.78 -12.23
C5' PYO E 6 -15.51 -13.15 -11.16
C4' PYO E 6 -14.98 -11.76 -11.02
O4' PYO E 6 -15.06 -11.13 -12.14
C3' PYO E 6 -15.88 -10.87 -9.94
C1' PYO E 6 -15.02 -9.67 -11.70
O3' PYO E 6 -15.50 -11.33 -8.58
C2' PYO E 6 -15.56 -9.69 -10.18
O2' PYO E 6 -14.42 -9.25 -9.25
N1 PYO E 6 -15.74 -8.92 -12.52
C6 PYO E 6 -17.09 -8.47 -12.19
C2 PYO E 6 -15.14 -8.56 -13.82
C5 PYO E 6 -17.85 -7.62 -13.17
O2 PYO E 6 -14.02 -8.94 -14.08
N3 PYO E 6 -15.91 -7.71 -14.80
C4 PYO E 6 -17.23 -7.25 -14.48
P PYO F 6 11.68 12.55 18.42
OP1 PYO F 6 12.68 12.07 19.48
OP2 PYO F 6 11.97 13.83 17.63
O5' PYO F 6 11.44 11.37 17.38
C5' PYO F 6 10.96 10.10 17.81
C4' PYO F 6 10.99 9.10 16.69
O4' PYO F 6 12.29 9.08 16.09
C3' PYO F 6 10.75 7.65 17.08
C1' PYO F 6 12.44 7.88 15.38
O3' PYO F 6 9.37 7.34 17.17
C2' PYO F 6 11.51 6.83 16.01
O2' PYO F 6 10.61 6.36 15.02
N1 PYO F 6 13.87 7.48 15.43
C6 PYO F 6 14.33 6.40 16.29
C2 PYO F 6 14.82 8.20 14.56
C5 PYO F 6 15.78 6.01 16.29
O2 PYO F 6 14.43 9.10 13.84
N3 PYO F 6 16.27 7.82 14.56
C4 PYO F 6 16.75 6.75 15.41
C1 GOL G . 23.00 22.89 12.09
O1 GOL G . 22.09 22.36 11.17
C2 GOL G . 24.42 22.52 11.59
O2 GOL G . 24.51 22.56 10.21
C3 GOL G . 25.35 23.56 12.26
O3 GOL G . 26.61 22.97 12.34
H11 GOL G . 22.92 23.84 12.18
H12 GOL G . 22.86 22.52 12.98
HO1 GOL G . 21.32 22.54 11.47
H2 GOL G . 24.65 21.62 11.85
HO2 GOL G . 24.29 23.35 9.95
H31 GOL G . 25.33 24.39 11.76
H32 GOL G . 25.01 23.78 13.14
HO3 GOL G . 27.13 23.56 12.69
N SAH H . 18.35 4.21 10.20
CA SAH H . 17.43 3.27 9.58
CB SAH H . 16.52 2.65 10.63
CG SAH H . 16.81 3.04 12.07
SD SAH H . 15.57 2.40 13.21
C SAH H . 16.61 3.92 8.46
O SAH H . 17.03 4.91 7.87
OXT SAH H . 15.54 3.44 8.11
C5' SAH H . 16.70 1.11 13.78
C4' SAH H . 16.56 -0.20 13.01
O4' SAH H . 17.37 -1.20 13.59
C3' SAH H . 15.13 -0.72 13.04
O3' SAH H . 14.64 -0.84 11.72
C2' SAH H . 15.22 -2.10 13.66
O2' SAH H . 14.44 -3.03 12.94
C1' SAH H . 16.70 -2.44 13.58
N9 SAH H . 17.12 -3.29 14.71
C8 SAH H . 16.55 -3.36 15.95
N7 SAH H . 17.23 -4.27 16.69
C5 SAH H . 18.23 -4.77 15.93
C6 SAH H . 19.21 -5.72 16.18
N6 SAH H . 19.28 -6.31 17.38
N1 SAH H . 20.12 -6.05 15.20
C2 SAH H . 20.03 -5.44 13.96
N3 SAH H . 19.06 -4.50 13.72
C4 SAH H . 18.17 -4.17 14.68
C1 GOL I . -11.19 -13.78 -30.57
O1 GOL I . -11.95 -14.15 -31.67
C2 GOL I . -11.50 -14.79 -29.46
O2 GOL I . -11.95 -16.01 -29.94
C3 GOL I . -10.17 -14.92 -28.71
O3 GOL I . -10.47 -15.45 -27.47
N SAH J . -14.65 -2.01 -15.52
CA SAH J . -14.11 -1.22 -14.41
CB SAH J . -14.81 -1.60 -13.10
CG SAH J . -16.01 -2.53 -13.25
SD SAH J . -16.66 -3.05 -11.64
C SAH J . -12.60 -1.39 -14.27
O SAH J . -11.90 -1.64 -15.24
OXT SAH J . -12.05 -1.26 -13.17
C5' SAH J . -18.11 -1.97 -11.82
C4' SAH J . -17.90 -0.61 -11.18
O4' SAH J . -19.09 0.14 -11.23
C3' SAH J . -17.51 -0.72 -9.71
O3' SAH J . -16.25 -0.13 -9.52
C2' SAH J . -18.56 0.07 -8.95
O2' SAH J . -17.96 0.91 -8.00
C1' SAH J . -19.25 0.88 -10.04
N9 SAH J . -20.67 1.12 -9.73
C8 SAH J . -21.50 0.35 -8.95
N7 SAH J . -22.72 0.92 -8.93
C5 SAH J . -22.69 2.05 -9.67
C6 SAH J . -23.66 3.01 -9.98
N6 SAH J . -24.89 2.89 -9.50
N1 SAH J . -23.32 4.07 -10.79
C2 SAH J . -22.04 4.19 -11.28
N3 SAH J . -21.09 3.23 -10.98
C4 SAH J . -21.41 2.18 -10.18
#